data_5M8B
#
_entry.id   5M8B
#
_cell.length_a   132.148
_cell.length_b   132.148
_cell.length_c   266.925
_cell.angle_alpha   90.00
_cell.angle_beta   90.00
_cell.angle_gamma   120.00
#
_symmetry.space_group_name_H-M   'H 3 2'
#
loop_
_entity.id
_entity.type
_entity.pdbx_description
1 polymer Beta-xylosidase
2 non-polymer 'MAGNESIUM ION'
3 non-polymer 2-AMINO-2-HYDROXYMETHYL-PROPANE-1,3-DIOL
4 non-polymer 'TRIETHYLENE GLYCOL'
5 non-polymer 'PENTAETHYLENE GLYCOL'
6 non-polymer 'TETRAETHYLENE GLYCOL'
7 water water
#
_entity_poly.entity_id   1
_entity_poly.type   'polypeptide(L)'
_entity_poly.pdbx_seq_one_letter_code
;MGSSHHHHHHSSGLVPRGSHMVQAQDYINPLIVQRADPYIYKHTDGYYYFTASVPAYNLIEIRRAKTLNGLANAAPRTIW
RKHPDGSGAMSQLIWAPELHYIDGKWFIYFAASHTKEFDHNGMFQHRMYCIECDNPDPMRDEADWTEHGQIETPLDTFAL
DATVFEAQKKLYYVWAQKDPAIKGNSNIYIAEMANPWTLKTKPVMLTKPEYDWETKIFWVNEGPAVLHRNGRFFLTYSAS
ATDENYAMGMLTVAEDADLLDPTSWSKSETPVFQSNMPIKQFGPGHNSFTVAEDGETDMLVYHCRNYTDIKGDPLYDPNR
HTMVQPFTWNDDGTPNFGKPVPYNYK
;
_entity_poly.pdbx_strand_id   A,B
#
# COMPACT_ATOMS: atom_id res chain seq x y z
N VAL A 22 7.78 -9.46 26.05
CA VAL A 22 7.24 -9.82 24.74
C VAL A 22 8.13 -10.86 24.04
N GLN A 23 7.59 -11.49 23.00
CA GLN A 23 8.30 -12.47 22.17
C GLN A 23 8.00 -12.22 20.69
N ALA A 24 8.86 -12.70 19.77
CA ALA A 24 8.64 -12.49 18.34
C ALA A 24 7.25 -12.95 17.85
N GLN A 25 6.72 -14.04 18.43
CA GLN A 25 5.41 -14.58 18.01
C GLN A 25 4.23 -13.66 18.39
N ASP A 26 4.43 -12.70 19.29
CA ASP A 26 3.41 -11.73 19.66
C ASP A 26 3.13 -10.76 18.50
N TYR A 27 4.08 -10.60 17.56
CA TYR A 27 3.95 -9.67 16.44
C TYR A 27 3.50 -10.46 15.22
N ILE A 28 2.55 -9.92 14.46
CA ILE A 28 2.12 -10.59 13.23
C ILE A 28 2.99 -10.03 12.14
N ASN A 29 3.86 -10.87 11.57
CA ASN A 29 4.77 -10.45 10.50
C ASN A 29 4.27 -11.03 9.18
N PRO A 30 4.50 -10.31 8.08
CA PRO A 30 5.14 -8.99 8.00
C PRO A 30 4.20 -7.96 8.63
N LEU A 31 4.78 -7.11 9.45
CA LEU A 31 4.03 -6.10 10.17
C LEU A 31 3.32 -5.16 9.22
N ILE A 32 4.05 -4.62 8.24
CA ILE A 32 3.48 -3.61 7.33
C ILE A 32 3.82 -3.98 5.92
N VAL A 33 2.83 -4.44 5.17
CA VAL A 33 3.09 -4.85 3.79
C VAL A 33 3.37 -3.64 2.91
N GLN A 34 4.23 -3.85 1.93
CA GLN A 34 4.57 -2.86 0.91
C GLN A 34 5.03 -1.49 1.46
N ARG A 35 5.92 -1.55 2.44
CA ARG A 35 6.61 -0.37 2.97
C ARG A 35 8.06 -0.70 3.14
N ALA A 36 8.91 0.05 2.44
CA ALA A 36 10.36 -0.06 2.46
C ALA A 36 10.96 1.08 3.29
N ASP A 37 12.19 0.88 3.79
CA ASP A 37 12.90 1.84 4.64
C ASP A 37 12.05 2.18 5.86
N PRO A 38 11.58 1.15 6.60
CA PRO A 38 10.67 1.42 7.71
C PRO A 38 11.31 2.10 8.90
N TYR A 39 10.69 3.17 9.39
CA TYR A 39 11.20 3.96 10.48
C TYR A 39 10.11 4.10 11.53
N ILE A 40 10.37 3.59 12.72
CA ILE A 40 9.41 3.66 13.82
C ILE A 40 10.05 4.47 14.92
N TYR A 41 9.29 5.44 15.44
CA TYR A 41 9.68 6.27 16.57
C TYR A 41 8.56 6.19 17.63
N LYS A 42 8.86 5.69 18.82
CA LYS A 42 7.95 5.66 19.96
C LYS A 42 8.11 7.00 20.72
N HIS A 43 7.09 7.83 20.67
CA HIS A 43 7.12 9.16 21.27
C HIS A 43 6.89 9.10 22.77
N THR A 44 7.15 10.19 23.46
CA THR A 44 7.03 10.26 24.92
C THR A 44 5.58 10.11 25.42
N ASP A 45 4.60 10.30 24.53
CA ASP A 45 3.22 10.04 24.84
C ASP A 45 2.78 8.58 24.59
N GLY A 46 3.71 7.70 24.22
CA GLY A 46 3.43 6.31 24.01
C GLY A 46 2.94 5.96 22.62
N TYR A 47 2.70 6.95 21.74
CA TYR A 47 2.38 6.60 20.35
C TYR A 47 3.62 6.10 19.60
N TYR A 48 3.42 5.05 18.83
CA TYR A 48 4.37 4.59 17.83
C TYR A 48 4.04 5.35 16.54
N TYR A 49 5.00 6.10 16.04
CA TYR A 49 4.89 6.82 14.76
C TYR A 49 5.68 6.03 13.74
N PHE A 50 5.18 5.97 12.50
CA PHE A 50 5.78 5.20 11.41
C PHE A 50 5.85 5.99 10.13
N THR A 51 7.05 6.05 9.54
CA THR A 51 7.30 6.67 8.24
C THR A 51 8.08 5.67 7.41
N ALA A 52 7.93 5.73 6.10
CA ALA A 52 8.55 4.78 5.19
C ALA A 52 8.39 5.25 3.79
N SER A 53 9.08 4.60 2.87
CA SER A 53 8.88 4.89 1.45
C SER A 53 7.60 4.18 0.98
N VAL A 54 6.69 4.93 0.38
CA VAL A 54 5.48 4.32 -0.18
C VAL A 54 5.83 3.86 -1.60
N PRO A 55 5.15 2.84 -2.10
CA PRO A 55 5.54 2.27 -3.41
C PRO A 55 5.54 3.21 -4.62
N ALA A 56 4.71 4.25 -4.61
CA ALA A 56 4.69 5.24 -5.71
C ALA A 56 5.76 6.31 -5.52
N TYR A 57 6.41 6.37 -4.34
CA TYR A 57 7.47 7.34 -4.03
C TYR A 57 7.06 8.80 -4.29
N ASN A 58 5.80 9.14 -3.98
CA ASN A 58 5.24 10.42 -4.34
C ASN A 58 4.87 11.33 -3.19
N LEU A 59 5.03 10.87 -1.96
CA LEU A 59 4.63 11.66 -0.79
C LEU A 59 5.23 11.11 0.47
N ILE A 60 5.11 11.89 1.56
CA ILE A 60 5.48 11.48 2.88
C ILE A 60 4.18 11.36 3.66
N GLU A 61 3.92 10.15 4.19
CA GLU A 61 2.75 9.91 5.04
C GLU A 61 3.22 9.36 6.36
N ILE A 62 2.43 9.52 7.37
CA ILE A 62 2.72 9.00 8.70
C ILE A 62 1.54 8.17 9.19
N ARG A 63 1.82 7.08 9.91
CA ARG A 63 0.81 6.30 10.64
C ARG A 63 1.17 6.39 12.11
N ARG A 64 0.17 6.27 12.96
CA ARG A 64 0.40 6.16 14.39
C ARG A 64 -0.51 5.16 15.01
N ALA A 65 0.01 4.43 15.96
CA ALA A 65 -0.77 3.47 16.70
C ALA A 65 -0.22 3.34 18.11
N LYS A 66 -1.01 2.76 19.01
CA LYS A 66 -0.61 2.55 20.40
C LYS A 66 0.19 1.26 20.60
N THR A 67 0.15 0.37 19.62
CA THR A 67 0.86 -0.88 19.65
C THR A 67 1.54 -1.04 18.28
N LEU A 68 2.58 -1.86 18.24
CA LEU A 68 3.25 -2.15 16.97
C LEU A 68 2.30 -2.89 16.00
N ASN A 69 1.52 -3.92 16.47
CA ASN A 69 0.55 -4.60 15.61
C ASN A 69 -0.51 -3.64 15.07
N GLY A 70 -0.87 -2.62 15.84
CA GLY A 70 -1.83 -1.60 15.40
C GLY A 70 -1.42 -0.88 14.15
N LEU A 71 -0.10 -0.73 13.90
CA LEU A 71 0.39 -0.06 12.71
C LEU A 71 -0.06 -0.76 11.43
N ALA A 72 -0.33 -2.09 11.48
CA ALA A 72 -0.80 -2.85 10.32
C ALA A 72 -2.14 -2.37 9.78
N ASN A 73 -2.97 -1.74 10.63
CA ASN A 73 -4.30 -1.28 10.27
C ASN A 73 -4.44 0.22 10.48
N ALA A 74 -3.34 0.94 10.72
CA ALA A 74 -3.40 2.36 11.04
C ALA A 74 -3.57 3.19 9.78
N ALA A 75 -4.61 4.02 9.75
CA ALA A 75 -4.97 4.82 8.59
C ALA A 75 -3.92 5.91 8.37
N PRO A 76 -3.17 5.91 7.27
CA PRO A 76 -2.14 6.95 7.12
C PRO A 76 -2.70 8.34 6.89
N ARG A 77 -1.86 9.30 7.14
CA ARG A 77 -2.13 10.69 6.82
C ARG A 77 -0.97 11.24 5.96
N THR A 78 -1.28 11.91 4.84
CA THR A 78 -0.26 12.55 4.01
C THR A 78 0.12 13.86 4.69
N ILE A 79 1.40 14.07 4.92
CA ILE A 79 1.86 15.31 5.56
C ILE A 79 2.68 16.17 4.61
N TRP A 80 3.11 15.61 3.46
CA TRP A 80 3.87 16.36 2.49
C TRP A 80 3.78 15.60 1.16
N ARG A 81 3.56 16.33 0.09
CA ARG A 81 3.48 15.71 -1.25
C ARG A 81 4.59 16.26 -2.13
N LYS A 82 5.02 15.45 -3.10
CA LYS A 82 6.07 15.84 -4.01
C LYS A 82 5.71 17.09 -4.80
N HIS A 83 6.72 17.82 -5.24
CA HIS A 83 6.50 18.98 -6.07
C HIS A 83 6.06 18.53 -7.47
N PRO A 84 5.41 19.42 -8.23
CA PRO A 84 4.93 19.02 -9.56
C PRO A 84 6.00 18.53 -10.51
N ASP A 85 5.63 17.62 -11.40
CA ASP A 85 6.57 17.09 -12.39
C ASP A 85 7.30 18.21 -13.12
N GLY A 86 8.62 18.11 -13.21
CA GLY A 86 9.45 19.07 -13.91
C GLY A 86 9.73 20.39 -13.20
N SER A 87 9.27 20.55 -11.95
CA SER A 87 9.42 21.82 -11.25
C SER A 87 10.71 22.00 -10.48
N GLY A 88 11.55 20.99 -10.48
CA GLY A 88 12.86 21.07 -9.87
C GLY A 88 12.98 20.17 -8.68
N ALA A 89 13.58 20.68 -7.60
CA ALA A 89 13.83 19.92 -6.38
C ALA A 89 12.60 19.23 -5.84
N MET A 90 12.79 18.05 -5.26
CA MET A 90 11.72 17.36 -4.57
C MET A 90 10.50 16.99 -5.45
N SER A 91 10.72 16.80 -6.76
CA SER A 91 9.62 16.53 -7.67
C SER A 91 9.48 15.06 -8.02
N GLN A 92 10.44 14.19 -7.61
CA GLN A 92 10.35 12.78 -7.94
C GLN A 92 11.01 11.92 -6.87
N LEU A 93 10.60 10.66 -6.81
CA LEU A 93 11.22 9.59 -6.04
C LEU A 93 11.55 9.97 -4.62
N ILE A 94 10.47 10.20 -3.87
CA ILE A 94 10.54 10.58 -2.47
C ILE A 94 10.87 9.32 -1.70
N TRP A 95 12.05 9.30 -1.09
CA TRP A 95 12.56 8.12 -0.42
C TRP A 95 12.99 8.28 1.01
N ALA A 96 12.68 7.22 1.77
CA ALA A 96 13.15 6.95 3.11
C ALA A 96 13.05 8.10 4.11
N PRO A 97 11.81 8.56 4.39
CA PRO A 97 11.65 9.61 5.40
C PRO A 97 11.84 9.07 6.83
N GLU A 98 12.44 9.87 7.72
CA GLU A 98 12.57 9.55 9.13
C GLU A 98 12.03 10.74 9.94
N LEU A 99 11.17 10.46 10.89
CA LEU A 99 10.55 11.46 11.76
C LEU A 99 11.29 11.57 13.07
N HIS A 100 11.88 12.73 13.34
CA HIS A 100 12.65 12.96 14.55
C HIS A 100 12.07 14.11 15.36
N TYR A 101 12.19 14.00 16.66
CA TYR A 101 11.71 15.03 17.59
C TYR A 101 12.92 15.66 18.22
N ILE A 102 13.21 16.90 17.84
CA ILE A 102 14.43 17.61 18.23
C ILE A 102 14.04 18.95 18.84
N ASP A 103 14.45 19.16 20.10
CA ASP A 103 14.18 20.39 20.87
C ASP A 103 12.72 20.85 20.78
N GLY A 104 11.82 19.89 20.98
CA GLY A 104 10.40 20.17 21.00
C GLY A 104 9.70 20.38 19.68
N LYS A 105 10.36 20.08 18.54
CA LYS A 105 9.80 20.28 17.19
C LYS A 105 9.97 19.00 16.37
N TRP A 106 9.07 18.74 15.42
CA TRP A 106 9.18 17.57 14.52
C TRP A 106 9.97 17.95 13.29
N PHE A 107 10.88 17.09 12.87
CA PHE A 107 11.64 17.22 11.63
C PHE A 107 11.55 15.91 10.87
N ILE A 108 11.47 15.96 9.55
CA ILE A 108 11.51 14.75 8.72
C ILE A 108 12.67 14.91 7.80
N TYR A 109 13.55 13.93 7.82
CA TYR A 109 14.70 13.87 6.91
C TYR A 109 14.37 12.89 5.82
N PHE A 110 14.46 13.30 4.54
CA PHE A 110 14.13 12.44 3.41
C PHE A 110 14.96 12.80 2.22
N ALA A 111 14.91 11.96 1.22
CA ALA A 111 15.64 12.16 0.00
C ALA A 111 14.67 12.31 -1.13
N ALA A 112 15.07 13.05 -2.15
CA ALA A 112 14.21 13.25 -3.32
C ALA A 112 15.07 13.65 -4.49
N SER A 113 14.51 13.51 -5.67
CA SER A 113 15.21 13.89 -6.89
C SER A 113 14.39 14.93 -7.66
N HIS A 114 15.03 15.55 -8.63
CA HIS A 114 14.35 16.47 -9.55
C HIS A 114 13.86 15.68 -10.80
N THR A 115 14.21 14.41 -10.89
CA THR A 115 13.94 13.61 -12.07
C THR A 115 13.99 12.13 -11.78
N LYS A 116 13.37 11.36 -12.67
CA LYS A 116 13.45 9.90 -12.66
C LYS A 116 14.63 9.44 -13.49
N GLU A 117 15.22 10.32 -14.31
CA GLU A 117 16.31 9.92 -15.16
C GLU A 117 17.63 9.73 -14.42
N PHE A 118 18.42 8.77 -14.93
CA PHE A 118 19.75 8.52 -14.39
C PHE A 118 20.72 9.57 -14.86
N ASP A 119 21.80 9.81 -14.10
CA ASP A 119 22.86 10.72 -14.52
C ASP A 119 23.73 10.01 -15.58
N HIS A 120 24.78 10.66 -16.08
CA HIS A 120 25.69 10.11 -17.07
C HIS A 120 26.40 8.81 -16.61
N ASN A 121 26.48 8.56 -15.28
CA ASN A 121 27.05 7.33 -14.72
C ASN A 121 26.02 6.24 -14.41
N GLY A 122 24.76 6.41 -14.83
CA GLY A 122 23.72 5.43 -14.58
C GLY A 122 23.21 5.46 -13.15
N MET A 123 23.43 6.57 -12.42
CA MET A 123 23.02 6.67 -11.02
C MET A 123 21.78 7.56 -10.85
N PHE A 124 21.07 7.32 -9.74
CA PHE A 124 19.95 8.16 -9.30
C PHE A 124 20.51 9.54 -8.90
N GLN A 125 19.65 10.57 -8.93
CA GLN A 125 20.09 11.95 -8.70
C GLN A 125 19.55 12.60 -7.43
N HIS A 126 19.23 11.80 -6.44
CA HIS A 126 18.75 12.26 -5.17
C HIS A 126 19.66 13.20 -4.44
N ARG A 127 19.05 14.08 -3.67
CA ARG A 127 19.75 14.92 -2.70
C ARG A 127 18.94 14.82 -1.42
N MET A 128 19.50 15.36 -0.34
CA MET A 128 18.89 15.27 0.99
C MET A 128 18.06 16.51 1.33
N TYR A 129 16.91 16.31 1.99
CA TYR A 129 15.98 17.37 2.32
C TYR A 129 15.49 17.30 3.72
N CYS A 130 14.89 18.39 4.17
CA CYS A 130 14.38 18.48 5.53
C CYS A 130 13.10 19.32 5.55
N ILE A 131 12.08 18.86 6.28
CA ILE A 131 10.84 19.62 6.53
C ILE A 131 10.67 19.67 8.06
N GLU A 132 10.06 20.75 8.57
CA GLU A 132 9.84 20.95 10.00
C GLU A 132 8.33 21.23 10.23
N CYS A 133 7.80 20.75 11.35
CA CYS A 133 6.39 20.95 11.70
C CYS A 133 6.19 22.06 12.74
N ASP A 134 5.18 22.97 12.56
CA ASP A 134 4.91 24.04 13.54
C ASP A 134 3.88 23.63 14.59
N ASN A 135 3.56 22.32 14.69
CA ASN A 135 2.49 21.85 15.54
C ASN A 135 2.88 20.62 16.38
N PRO A 136 2.36 20.47 17.62
CA PRO A 136 2.66 19.24 18.41
C PRO A 136 2.16 17.95 17.80
N ASP A 137 1.12 18.00 16.98
CA ASP A 137 0.57 16.85 16.28
C ASP A 137 1.19 16.87 14.86
N PRO A 138 2.09 15.94 14.55
CA PRO A 138 2.69 15.93 13.21
C PRO A 138 1.77 15.42 12.09
N MET A 139 0.56 14.97 12.42
CA MET A 139 -0.38 14.42 11.42
C MET A 139 -1.60 15.27 11.28
N ARG A 140 -1.54 16.54 11.68
CA ARG A 140 -2.76 17.36 11.59
C ARG A 140 -3.05 17.82 10.16
N ASP A 141 -2.10 18.50 9.53
CA ASP A 141 -2.30 19.09 8.21
C ASP A 141 -0.99 19.33 7.50
N GLU A 142 -1.00 19.22 6.15
CA GLU A 142 0.16 19.53 5.31
C GLU A 142 0.60 21.00 5.47
N ALA A 143 -0.33 21.92 5.77
CA ALA A 143 -0.03 23.35 5.97
C ALA A 143 0.91 23.55 7.18
N ASP A 144 1.01 22.58 8.11
CA ASP A 144 1.88 22.67 9.31
C ASP A 144 3.36 22.44 9.01
N TRP A 145 3.70 21.91 7.84
CA TRP A 145 5.08 21.56 7.51
C TRP A 145 5.74 22.61 6.63
N THR A 146 6.94 23.02 7.00
CA THR A 146 7.70 24.00 6.21
C THR A 146 8.99 23.35 5.67
N GLU A 147 9.37 23.72 4.43
CA GLU A 147 10.55 23.18 3.78
C GLU A 147 11.79 23.98 4.14
N HIS A 148 12.81 23.29 4.63
CA HIS A 148 14.12 23.89 4.83
C HIS A 148 14.96 23.75 3.56
N GLY A 149 14.51 22.99 2.59
CA GLY A 149 15.25 22.79 1.35
C GLY A 149 16.31 21.73 1.53
N GLN A 150 17.29 21.79 0.68
CA GLN A 150 18.37 20.81 0.65
C GLN A 150 19.37 20.94 1.81
N ILE A 151 19.80 19.79 2.35
CA ILE A 151 20.87 19.77 3.34
C ILE A 151 22.10 19.61 2.48
N GLU A 152 22.85 20.69 2.33
CA GLU A 152 23.98 20.72 1.43
C GLU A 152 25.26 20.17 2.00
N THR A 153 26.02 19.48 1.13
CA THR A 153 27.34 18.94 1.46
C THR A 153 28.38 19.65 0.56
N PRO A 154 29.68 19.70 0.93
CA PRO A 154 30.67 20.40 0.09
C PRO A 154 30.70 19.92 -1.37
N LEU A 155 30.62 18.60 -1.60
CA LEU A 155 30.49 18.07 -2.95
C LEU A 155 29.01 17.78 -3.19
N ASP A 156 28.42 18.35 -4.25
CA ASP A 156 27.01 18.20 -4.57
C ASP A 156 26.79 16.94 -5.39
N THR A 157 26.71 15.80 -4.72
CA THR A 157 26.49 14.51 -5.39
C THR A 157 25.36 13.76 -4.72
N PHE A 158 24.96 12.68 -5.39
CA PHE A 158 23.93 11.73 -4.95
C PHE A 158 24.02 11.47 -3.43
N ALA A 159 22.96 11.76 -2.68
CA ALA A 159 22.93 11.59 -1.24
C ALA A 159 21.52 11.26 -0.78
N LEU A 160 21.41 10.38 0.23
CA LEU A 160 20.12 9.93 0.75
C LEU A 160 20.29 9.22 2.10
N ASP A 161 19.17 8.73 2.66
CA ASP A 161 19.12 7.92 3.88
C ASP A 161 19.68 8.60 5.13
N ALA A 162 19.48 9.91 5.26
CA ALA A 162 20.00 10.62 6.41
C ALA A 162 19.26 10.30 7.69
N THR A 163 20.01 10.26 8.79
CA THR A 163 19.47 10.07 10.11
C THR A 163 20.25 11.00 11.02
N VAL A 164 19.75 11.22 12.24
CA VAL A 164 20.42 12.05 13.22
C VAL A 164 20.46 11.37 14.55
N PHE A 165 21.41 11.75 15.37
CA PHE A 165 21.49 11.30 16.77
C PHE A 165 22.15 12.38 17.60
N GLU A 166 21.79 12.43 18.87
CA GLU A 166 22.37 13.37 19.83
C GLU A 166 23.43 12.71 20.64
N ALA A 167 24.55 13.39 20.82
CA ALA A 167 25.66 12.86 21.63
C ALA A 167 26.52 13.98 22.10
N GLN A 168 27.00 13.91 23.36
CA GLN A 168 27.92 14.90 23.91
C GLN A 168 27.37 16.35 23.77
N LYS A 169 26.05 16.53 23.97
CA LYS A 169 25.32 17.80 23.87
C LYS A 169 25.34 18.42 22.48
N LYS A 170 25.52 17.60 21.44
CA LYS A 170 25.58 18.05 20.05
C LYS A 170 24.64 17.19 19.23
N LEU A 171 24.37 17.61 18.00
CA LEU A 171 23.50 16.89 17.09
C LEU A 171 24.38 16.44 15.93
N TYR A 172 24.35 15.14 15.64
CA TYR A 172 25.14 14.54 14.56
C TYR A 172 24.23 14.05 13.44
N TYR A 173 24.66 14.23 12.21
CA TYR A 173 23.96 13.88 11.00
C TYR A 173 24.75 12.78 10.31
N VAL A 174 24.12 11.67 10.08
CA VAL A 174 24.73 10.50 9.43
C VAL A 174 23.98 10.20 8.14
N TRP A 175 24.68 9.95 7.06
CA TRP A 175 24.01 9.75 5.77
C TRP A 175 24.87 8.95 4.79
N ALA A 176 24.26 8.63 3.64
CA ALA A 176 24.89 7.92 2.54
C ALA A 176 25.08 8.86 1.37
N GLN A 177 26.28 8.83 0.79
CA GLN A 177 26.58 9.70 -0.35
C GLN A 177 27.66 9.10 -1.25
N LYS A 178 27.54 9.40 -2.52
CA LYS A 178 28.48 9.00 -3.56
C LYS A 178 29.72 9.91 -3.53
N ASP A 179 30.90 9.30 -3.56
CA ASP A 179 32.16 10.02 -3.76
C ASP A 179 32.66 9.56 -5.13
N PRO A 180 32.79 10.45 -6.13
CA PRO A 180 33.33 10.04 -7.45
C PRO A 180 34.68 9.29 -7.44
N ALA A 181 35.50 9.53 -6.43
CA ALA A 181 36.82 8.91 -6.28
C ALA A 181 36.79 7.54 -5.60
N ILE A 182 35.62 7.05 -5.12
CA ILE A 182 35.54 5.77 -4.41
C ILE A 182 34.55 4.89 -5.15
N LYS A 183 34.94 3.67 -5.48
CA LYS A 183 34.06 2.75 -6.20
C LYS A 183 32.80 2.46 -5.38
N GLY A 184 31.67 2.42 -6.06
CA GLY A 184 30.38 2.09 -5.46
C GLY A 184 29.37 3.22 -5.50
N ASN A 185 28.16 2.92 -5.07
CA ASN A 185 27.06 3.88 -5.13
C ASN A 185 27.06 4.87 -4.00
N SER A 186 27.58 4.50 -2.83
CA SER A 186 27.58 5.40 -1.68
C SER A 186 28.35 4.85 -0.51
N ASN A 187 28.87 5.76 0.32
CA ASN A 187 29.59 5.52 1.57
C ASN A 187 28.82 6.19 2.70
N ILE A 188 29.10 5.85 3.96
CA ILE A 188 28.47 6.47 5.11
C ILE A 188 29.34 7.57 5.65
N TYR A 189 28.74 8.72 5.91
CA TYR A 189 29.40 9.92 6.44
C TYR A 189 28.78 10.38 7.72
N ILE A 190 29.54 11.13 8.51
CA ILE A 190 29.05 11.78 9.74
C ILE A 190 29.50 13.25 9.69
N ALA A 191 28.68 14.10 10.27
CA ALA A 191 29.04 15.52 10.50
C ALA A 191 28.26 16.05 11.68
N GLU A 192 28.84 17.00 12.38
CA GLU A 192 28.15 17.68 13.45
C GLU A 192 27.25 18.71 12.76
N MET A 193 26.07 19.01 13.35
CA MET A 193 25.12 19.95 12.80
C MET A 193 25.18 21.29 13.53
N ALA A 194 24.99 22.39 12.77
CA ALA A 194 24.92 23.76 13.33
C ALA A 194 23.50 24.00 13.80
N ASN A 195 22.51 23.41 13.10
CA ASN A 195 21.10 23.43 13.43
C ASN A 195 20.50 22.18 12.73
N PRO A 196 19.23 21.83 12.93
CA PRO A 196 18.72 20.58 12.34
C PRO A 196 18.68 20.47 10.82
N TRP A 197 19.02 21.51 10.06
CA TRP A 197 19.04 21.44 8.60
C TRP A 197 20.36 21.93 7.98
N THR A 198 21.43 22.12 8.78
CA THR A 198 22.70 22.65 8.31
C THR A 198 23.87 21.94 8.94
N LEU A 199 24.85 21.54 8.12
CA LEU A 199 26.06 20.93 8.64
C LEU A 199 27.01 21.99 9.18
N LYS A 200 27.69 21.69 10.28
CA LYS A 200 28.71 22.57 10.86
C LYS A 200 30.10 22.17 10.37
N THR A 201 30.38 20.87 10.30
CA THR A 201 31.72 20.37 9.96
C THR A 201 31.76 19.75 8.58
N LYS A 202 32.99 19.54 8.10
CA LYS A 202 33.24 18.89 6.82
C LYS A 202 32.90 17.41 7.01
N PRO A 203 32.19 16.75 6.08
CA PRO A 203 31.89 15.31 6.25
C PRO A 203 33.08 14.40 6.49
N VAL A 204 32.90 13.37 7.33
CA VAL A 204 33.94 12.39 7.61
C VAL A 204 33.39 11.04 7.20
N MET A 205 34.14 10.30 6.34
CA MET A 205 33.70 8.96 5.89
C MET A 205 33.95 7.96 6.99
N LEU A 206 32.91 7.19 7.35
CA LEU A 206 32.97 6.17 8.39
C LEU A 206 33.12 4.77 7.81
N THR A 207 32.50 4.50 6.66
CA THR A 207 32.62 3.20 5.98
C THR A 207 32.38 3.36 4.49
N LYS A 208 33.07 2.53 3.69
CA LYS A 208 32.84 2.38 2.25
C LYS A 208 32.65 0.89 1.98
N PRO A 209 31.90 0.51 0.91
CA PRO A 209 31.79 -0.91 0.56
C PRO A 209 33.16 -1.48 0.14
N GLU A 210 33.58 -2.56 0.80
CA GLU A 210 34.87 -3.21 0.53
C GLU A 210 34.91 -4.72 0.81
N TYR A 211 34.18 -5.24 1.81
CA TYR A 211 34.19 -6.69 2.07
C TYR A 211 33.39 -7.42 1.01
N ASP A 212 33.63 -8.71 0.86
CA ASP A 212 32.89 -9.55 -0.10
C ASP A 212 31.35 -9.44 0.06
N TRP A 213 30.88 -9.43 1.30
CA TRP A 213 29.44 -9.33 1.63
C TRP A 213 28.86 -7.91 1.42
N GLU A 214 29.70 -6.88 1.20
CA GLU A 214 29.26 -5.52 0.90
C GLU A 214 29.27 -5.21 -0.58
N THR A 215 29.86 -6.09 -1.40
CA THR A 215 30.08 -5.81 -2.81
C THR A 215 29.45 -6.83 -3.74
N LYS A 216 28.41 -7.54 -3.29
CA LYS A 216 27.74 -8.54 -4.12
C LYS A 216 26.83 -7.85 -5.09
N ILE A 217 27.18 -7.90 -6.38
CA ILE A 217 26.45 -7.35 -7.52
C ILE A 217 26.60 -5.82 -7.59
N PHE A 218 26.26 -5.10 -6.50
CA PHE A 218 26.43 -3.65 -6.39
C PHE A 218 27.24 -3.33 -5.13
N TRP A 219 28.18 -2.37 -5.26
CA TRP A 219 29.04 -1.93 -4.16
C TRP A 219 28.31 -0.81 -3.49
N VAL A 220 27.83 -1.02 -2.27
CA VAL A 220 27.06 0.03 -1.60
C VAL A 220 27.12 -0.07 -0.12
N ASN A 221 27.06 1.10 0.55
CA ASN A 221 26.82 1.27 1.99
C ASN A 221 25.73 2.32 2.08
N GLU A 222 24.57 1.96 2.65
CA GLU A 222 23.46 2.91 2.77
C GLU A 222 22.58 2.56 4.01
N GLY A 223 21.46 3.27 4.16
CA GLY A 223 20.50 3.06 5.26
C GLY A 223 21.07 3.05 6.67
N PRO A 224 21.82 4.09 7.07
CA PRO A 224 22.37 4.09 8.42
C PRO A 224 21.32 4.21 9.53
N ALA A 225 21.59 3.57 10.67
CA ALA A 225 20.75 3.67 11.86
C ALA A 225 21.63 3.63 13.08
N VAL A 226 21.27 4.37 14.13
CA VAL A 226 22.11 4.49 15.33
C VAL A 226 21.41 3.98 16.58
N LEU A 227 22.12 3.17 17.35
CA LEU A 227 21.66 2.57 18.61
C LEU A 227 22.67 2.94 19.69
N HIS A 228 22.20 3.33 20.88
CA HIS A 228 23.07 3.77 21.97
C HIS A 228 22.86 2.84 23.16
N ARG A 229 23.92 2.13 23.59
CA ARG A 229 23.89 1.24 24.73
C ARG A 229 25.29 0.80 25.17
N ASN A 230 25.40 0.48 26.48
CA ASN A 230 26.57 -0.12 27.07
C ASN A 230 27.84 0.62 26.77
N GLY A 231 27.78 1.94 26.93
CA GLY A 231 28.92 2.82 26.73
C GLY A 231 29.33 3.06 25.29
N ARG A 232 28.52 2.61 24.32
CA ARG A 232 28.87 2.72 22.90
C ARG A 232 27.72 3.18 22.04
N PHE A 233 28.03 3.68 20.85
CA PHE A 233 27.05 3.88 19.79
C PHE A 233 27.37 2.77 18.77
N PHE A 234 26.34 2.16 18.25
CA PHE A 234 26.35 1.10 17.25
C PHE A 234 25.65 1.67 16.02
N LEU A 235 26.35 1.78 14.91
CA LEU A 235 25.79 2.35 13.69
C LEU A 235 25.64 1.22 12.69
N THR A 236 24.42 0.77 12.45
CA THR A 236 24.16 -0.28 11.47
C THR A 236 23.93 0.41 10.14
N TYR A 237 24.13 -0.32 9.07
CA TYR A 237 23.92 0.16 7.70
C TYR A 237 23.72 -1.08 6.83
N SER A 238 23.21 -0.88 5.61
CA SER A 238 22.95 -1.97 4.65
C SER A 238 23.91 -1.92 3.50
N ALA A 239 24.23 -3.10 2.95
CA ALA A 239 25.19 -3.25 1.88
C ALA A 239 24.81 -4.33 0.89
N SER A 240 25.46 -4.29 -0.28
CA SER A 240 25.22 -5.13 -1.43
C SER A 240 23.91 -4.82 -2.12
N ALA A 241 23.59 -5.57 -3.19
CA ALA A 241 22.34 -5.46 -3.92
C ALA A 241 21.17 -5.83 -3.04
N THR A 242 19.97 -5.36 -3.42
CA THR A 242 18.75 -5.50 -2.64
C THR A 242 18.01 -6.84 -2.83
N ASP A 243 18.67 -7.87 -3.33
CA ASP A 243 18.06 -9.19 -3.45
C ASP A 243 18.51 -9.97 -2.21
N GLU A 244 18.67 -11.30 -2.26
CA GLU A 244 19.10 -12.09 -1.09
C GLU A 244 20.46 -11.70 -0.55
N ASN A 245 21.29 -10.95 -1.31
CA ASN A 245 22.62 -10.51 -0.84
C ASN A 245 22.52 -9.34 0.09
N TYR A 246 21.38 -8.64 0.17
CA TYR A 246 21.29 -7.45 1.02
C TYR A 246 21.56 -7.83 2.47
N ALA A 247 22.44 -7.11 3.12
CA ALA A 247 22.85 -7.46 4.49
C ALA A 247 23.23 -6.22 5.29
N MET A 248 23.21 -6.35 6.59
CA MET A 248 23.55 -5.29 7.49
C MET A 248 24.97 -5.43 8.05
N GLY A 249 25.70 -4.33 8.07
CA GLY A 249 27.00 -4.20 8.73
C GLY A 249 26.82 -3.40 10.00
N MET A 250 27.91 -3.18 10.75
CA MET A 250 27.82 -2.40 11.96
C MET A 250 29.17 -1.79 12.30
N LEU A 251 29.15 -0.52 12.71
CA LEU A 251 30.30 0.20 13.24
C LEU A 251 30.05 0.40 14.69
N THR A 252 31.12 0.43 15.52
CA THR A 252 31.01 0.66 16.96
C THR A 252 31.99 1.75 17.34
N VAL A 253 31.59 2.62 18.30
CA VAL A 253 32.43 3.71 18.83
C VAL A 253 32.07 3.89 20.30
N ALA A 254 33.05 4.30 21.13
CA ALA A 254 32.79 4.60 22.55
C ALA A 254 31.97 5.89 22.60
N GLU A 255 31.01 5.97 23.50
CA GLU A 255 30.09 7.11 23.58
C GLU A 255 30.75 8.45 23.90
N ASP A 256 31.95 8.43 24.45
CA ASP A 256 32.72 9.63 24.83
C ASP A 256 33.92 9.91 23.89
N ALA A 257 34.02 9.20 22.77
CA ALA A 257 35.12 9.40 21.83
C ALA A 257 34.85 10.61 20.96
N ASP A 258 35.87 11.06 20.22
CA ASP A 258 35.69 12.11 19.22
C ASP A 258 34.99 11.39 18.03
N LEU A 259 33.69 11.63 17.88
CA LEU A 259 32.88 10.95 16.88
C LEU A 259 33.21 11.33 15.45
N LEU A 260 33.93 12.46 15.26
CA LEU A 260 34.38 12.91 13.96
C LEU A 260 35.77 12.42 13.59
N ASP A 261 36.40 11.60 14.45
CA ASP A 261 37.72 11.04 14.12
C ASP A 261 37.38 9.63 13.59
N PRO A 262 37.65 9.30 12.32
CA PRO A 262 37.28 7.95 11.86
C PRO A 262 37.99 6.82 12.58
N THR A 263 39.19 7.07 13.17
CA THR A 263 39.97 6.07 13.89
C THR A 263 39.34 5.70 15.22
N SER A 264 38.33 6.47 15.72
CA SER A 264 37.59 6.11 16.94
C SER A 264 36.62 4.96 16.64
N TRP A 265 36.20 4.79 15.38
CA TRP A 265 35.19 3.81 14.98
C TRP A 265 35.80 2.49 14.54
N SER A 266 35.12 1.40 14.89
CA SER A 266 35.51 0.05 14.56
C SER A 266 34.45 -0.52 13.59
N LYS A 267 34.90 -1.14 12.50
CA LYS A 267 34.01 -1.72 11.49
C LYS A 267 33.95 -3.24 11.65
N SER A 268 32.73 -3.80 11.74
CA SER A 268 32.60 -5.24 11.77
C SER A 268 33.08 -5.79 10.40
N GLU A 269 33.92 -6.82 10.43
CA GLU A 269 34.42 -7.45 9.19
C GLU A 269 33.40 -8.41 8.62
N THR A 270 32.35 -8.74 9.40
CA THR A 270 31.26 -9.61 8.97
C THR A 270 29.91 -8.95 9.13
N PRO A 271 28.89 -9.42 8.39
CA PRO A 271 27.56 -8.85 8.57
C PRO A 271 26.95 -9.24 9.91
N VAL A 272 26.05 -8.39 10.39
CA VAL A 272 25.37 -8.59 11.66
C VAL A 272 23.93 -9.10 11.44
N PHE A 273 23.45 -9.09 10.21
CA PHE A 273 22.09 -9.57 9.91
C PHE A 273 22.04 -9.85 8.40
N GLN A 274 21.50 -10.99 8.02
CA GLN A 274 21.47 -11.46 6.64
C GLN A 274 20.19 -12.21 6.34
N SER A 275 20.00 -12.57 5.10
CA SER A 275 18.87 -13.37 4.62
C SER A 275 18.77 -14.67 5.40
N ASN A 276 17.55 -15.12 5.58
CA ASN A 276 17.25 -16.40 6.16
C ASN A 276 16.68 -17.17 4.96
N MET A 277 17.58 -17.79 4.22
CA MET A 277 17.26 -18.44 2.93
C MET A 277 16.27 -19.58 3.04
N PRO A 278 16.37 -20.49 4.02
CA PRO A 278 15.38 -21.59 4.10
C PRO A 278 13.92 -21.19 4.26
N ILE A 279 13.65 -20.02 4.84
CA ILE A 279 12.26 -19.54 5.03
C ILE A 279 11.89 -18.45 4.02
N LYS A 280 12.76 -18.23 3.04
CA LYS A 280 12.57 -17.24 2.00
C LYS A 280 12.41 -15.81 2.53
N GLN A 281 13.29 -15.40 3.45
CA GLN A 281 13.36 -14.02 3.90
C GLN A 281 14.61 -13.50 3.24
N PHE A 282 14.41 -12.83 2.09
CA PHE A 282 15.49 -12.38 1.22
C PHE A 282 15.81 -10.89 1.31
N GLY A 283 17.02 -10.58 1.74
CA GLY A 283 17.52 -9.21 1.74
C GLY A 283 16.99 -8.28 2.80
N PRO A 284 17.29 -8.56 4.07
CA PRO A 284 16.85 -7.66 5.12
C PRO A 284 17.72 -6.41 5.18
N GLY A 285 17.12 -5.24 5.27
CA GLY A 285 17.93 -4.04 5.36
C GLY A 285 17.16 -2.76 5.61
N HIS A 286 17.86 -1.66 5.38
CA HIS A 286 17.51 -0.31 5.77
C HIS A 286 16.71 -0.35 7.06
N ASN A 287 17.39 -0.65 8.13
CA ASN A 287 16.73 -0.82 9.40
C ASN A 287 16.56 0.44 10.21
N SER A 288 15.74 0.33 11.25
CA SER A 288 15.60 1.31 12.32
C SER A 288 15.45 0.50 13.63
N PHE A 289 15.40 1.18 14.75
CA PHE A 289 15.31 0.54 16.06
C PHE A 289 14.17 1.17 16.83
N THR A 290 13.48 0.36 17.64
CA THR A 290 12.45 0.86 18.54
C THR A 290 12.43 0.00 19.78
N VAL A 291 11.42 0.21 20.61
CA VAL A 291 11.24 -0.51 21.85
C VAL A 291 9.81 -1.04 21.87
N ALA A 292 9.63 -2.24 22.40
CA ALA A 292 8.32 -2.89 22.50
C ALA A 292 7.40 -2.21 23.56
N GLU A 293 6.15 -2.67 23.64
CA GLU A 293 5.09 -2.16 24.52
C GLU A 293 5.40 -2.39 26.01
N ASP A 294 6.33 -3.28 26.32
CA ASP A 294 6.78 -3.49 27.69
C ASP A 294 7.74 -2.37 28.16
N GLY A 295 8.16 -1.49 27.24
CA GLY A 295 9.08 -0.40 27.52
C GLY A 295 10.52 -0.85 27.73
N GLU A 296 10.82 -2.14 27.49
CA GLU A 296 12.11 -2.76 27.78
C GLU A 296 12.78 -3.48 26.61
N THR A 297 12.01 -4.28 25.86
CA THR A 297 12.56 -5.11 24.79
C THR A 297 12.91 -4.31 23.57
N ASP A 298 14.15 -4.42 23.15
CA ASP A 298 14.62 -3.76 21.93
C ASP A 298 14.04 -4.47 20.72
N MET A 299 13.60 -3.70 19.72
CA MET A 299 13.00 -4.22 18.51
C MET A 299 13.76 -3.73 17.27
N LEU A 300 14.09 -4.65 16.38
CA LEU A 300 14.72 -4.37 15.13
C LEU A 300 13.59 -4.19 14.09
N VAL A 301 13.67 -3.14 13.28
CA VAL A 301 12.68 -2.82 12.26
C VAL A 301 13.41 -2.78 10.93
N TYR A 302 12.94 -3.52 9.91
CA TYR A 302 13.63 -3.59 8.64
C TYR A 302 12.69 -4.03 7.54
N HIS A 303 13.10 -3.86 6.28
CA HIS A 303 12.29 -4.36 5.18
C HIS A 303 12.97 -5.65 4.66
N CYS A 304 12.20 -6.48 4.01
CA CYS A 304 12.67 -7.76 3.49
C CYS A 304 11.71 -8.27 2.44
N ARG A 305 12.18 -9.02 1.44
CA ARG A 305 11.35 -9.60 0.40
C ARG A 305 11.13 -11.07 0.67
N ASN A 306 10.06 -11.64 0.12
CA ASN A 306 9.80 -13.07 0.16
C ASN A 306 9.98 -13.74 -1.21
N TYR A 307 10.48 -13.00 -2.20
CA TYR A 307 10.83 -13.52 -3.53
C TYR A 307 11.84 -12.57 -4.16
N THR A 308 12.62 -13.06 -5.12
CA THR A 308 13.57 -12.25 -5.88
C THR A 308 13.31 -12.34 -7.41
N ASP A 309 12.33 -13.13 -7.85
CA ASP A 309 12.03 -13.28 -9.27
C ASP A 309 11.13 -12.09 -9.66
N ILE A 310 11.69 -10.89 -9.63
CA ILE A 310 10.97 -9.64 -9.94
C ILE A 310 10.78 -9.56 -11.46
N LYS A 311 9.57 -9.21 -11.90
CA LYS A 311 9.24 -9.02 -13.31
C LYS A 311 9.01 -7.52 -13.53
N GLY A 312 9.36 -7.03 -14.71
CA GLY A 312 9.28 -5.61 -15.02
C GLY A 312 10.34 -4.81 -14.31
N ASP A 313 10.14 -3.47 -14.22
CA ASP A 313 11.10 -2.59 -13.56
C ASP A 313 11.16 -2.85 -12.07
N PRO A 314 12.31 -3.32 -11.52
CA PRO A 314 12.37 -3.59 -10.08
C PRO A 314 12.09 -2.41 -9.17
N LEU A 315 12.30 -1.18 -9.63
CA LEU A 315 11.97 0.04 -8.87
C LEU A 315 10.51 0.06 -8.45
N TYR A 316 9.62 -0.51 -9.27
CA TYR A 316 8.19 -0.47 -9.03
C TYR A 316 7.61 -1.82 -8.57
N ASP A 317 8.44 -2.79 -8.16
CA ASP A 317 7.93 -4.01 -7.53
C ASP A 317 7.74 -3.57 -6.09
N PRO A 318 6.51 -3.60 -5.59
CA PRO A 318 6.24 -2.98 -4.28
C PRO A 318 6.40 -3.90 -3.08
N ASN A 319 6.90 -5.12 -3.25
CA ASN A 319 6.85 -6.10 -2.18
C ASN A 319 8.09 -6.25 -1.28
N ARG A 320 8.72 -5.12 -0.94
CA ARG A 320 9.62 -5.08 0.19
C ARG A 320 8.66 -4.84 1.35
N HIS A 321 8.61 -5.74 2.31
CA HIS A 321 7.66 -5.62 3.45
C HIS A 321 8.38 -5.30 4.74
N THR A 322 7.72 -4.55 5.62
CA THR A 322 8.28 -4.20 6.92
C THR A 322 8.12 -5.33 7.92
N MET A 323 9.23 -5.71 8.54
CA MET A 323 9.30 -6.73 9.57
C MET A 323 9.69 -6.08 10.88
N VAL A 324 9.19 -6.61 12.02
CA VAL A 324 9.65 -6.20 13.33
C VAL A 324 9.90 -7.44 14.17
N GLN A 325 10.95 -7.39 14.97
CA GLN A 325 11.27 -8.52 15.83
C GLN A 325 12.20 -8.07 16.95
N PRO A 326 12.11 -8.74 18.08
CA PRO A 326 13.01 -8.38 19.19
C PRO A 326 14.45 -8.82 18.91
N PHE A 327 15.39 -8.14 19.53
CA PHE A 327 16.79 -8.54 19.49
C PHE A 327 17.30 -8.50 20.92
N THR A 328 18.47 -9.07 21.11
CA THR A 328 19.05 -9.24 22.43
C THR A 328 20.49 -8.75 22.49
N TRP A 329 21.13 -8.94 23.62
CA TRP A 329 22.48 -8.44 23.84
C TRP A 329 23.42 -9.56 24.24
N ASN A 330 24.64 -9.51 23.70
CA ASN A 330 25.68 -10.50 24.01
C ASN A 330 26.35 -10.11 25.31
N ASP A 331 27.16 -11.02 25.87
CA ASP A 331 27.87 -10.83 27.14
C ASP A 331 28.73 -9.57 27.16
N ASP A 332 29.36 -9.25 26.02
CA ASP A 332 30.23 -8.07 25.87
C ASP A 332 29.47 -6.74 25.62
N GLY A 333 28.13 -6.72 25.75
CA GLY A 333 27.32 -5.53 25.57
C GLY A 333 27.04 -5.12 24.13
N THR A 334 27.32 -6.01 23.17
CA THR A 334 27.09 -5.77 21.75
C THR A 334 25.73 -6.37 21.41
N PRO A 335 24.98 -5.79 20.44
CA PRO A 335 23.68 -6.36 20.11
C PRO A 335 23.80 -7.67 19.33
N ASN A 336 22.82 -8.54 19.47
CA ASN A 336 22.71 -9.77 18.71
C ASN A 336 21.37 -9.72 17.99
N PHE A 337 21.39 -9.52 16.68
CA PHE A 337 20.15 -9.42 15.89
C PHE A 337 19.58 -10.75 15.48
N GLY A 338 20.38 -11.81 15.51
CA GLY A 338 19.92 -13.15 15.18
C GLY A 338 19.72 -13.27 13.68
N LYS A 339 18.53 -13.63 13.25
CA LYS A 339 18.23 -13.74 11.82
C LYS A 339 16.76 -13.40 11.60
N PRO A 340 16.32 -13.13 10.37
CA PRO A 340 14.89 -12.86 10.16
C PRO A 340 13.95 -13.94 10.64
N VAL A 341 12.87 -13.53 11.30
CA VAL A 341 11.82 -14.46 11.75
C VAL A 341 10.88 -14.75 10.56
N PRO A 342 10.14 -15.86 10.60
CA PRO A 342 9.18 -16.12 9.50
C PRO A 342 7.88 -15.34 9.65
N TYR A 343 7.13 -15.31 8.55
CA TYR A 343 5.78 -14.78 8.54
C TYR A 343 4.92 -15.66 9.45
N ASN A 344 3.95 -15.05 10.13
CA ASN A 344 3.07 -15.85 11.02
C ASN A 344 1.62 -15.37 10.96
N TYR A 345 1.20 -14.71 9.88
CA TYR A 345 -0.20 -14.32 9.70
C TYR A 345 -1.01 -15.57 9.36
N LYS A 346 -2.30 -15.58 9.68
CA LYS A 346 -3.15 -16.76 9.47
C LYS A 346 -4.05 -16.57 8.27
N VAL B 22 -19.71 -14.68 14.86
CA VAL B 22 -18.74 -13.59 14.91
C VAL B 22 -19.45 -12.27 15.14
N GLN B 23 -18.70 -11.25 15.57
CA GLN B 23 -19.18 -9.89 15.76
C GLN B 23 -18.23 -8.95 15.06
N ALA B 24 -18.68 -7.72 14.75
CA ALA B 24 -17.85 -6.71 14.11
C ALA B 24 -16.52 -6.50 14.83
N GLN B 25 -16.55 -6.55 16.17
CA GLN B 25 -15.39 -6.29 17.03
C GLN B 25 -14.33 -7.39 16.93
N ASP B 26 -14.65 -8.56 16.34
CA ASP B 26 -13.67 -9.64 16.10
C ASP B 26 -12.70 -9.25 14.97
N TYR B 27 -13.09 -8.27 14.13
CA TYR B 27 -12.26 -7.82 13.02
C TYR B 27 -11.61 -6.50 13.37
N ILE B 28 -10.32 -6.35 13.03
CA ILE B 28 -9.60 -5.12 13.25
C ILE B 28 -9.77 -4.28 11.99
N ASN B 29 -10.53 -3.18 12.11
CA ASN B 29 -10.84 -2.30 11.01
C ASN B 29 -10.02 -1.00 11.15
N PRO B 30 -9.62 -0.39 10.01
CA PRO B 30 -9.81 -0.85 8.64
C PRO B 30 -8.96 -2.09 8.39
N LEU B 31 -9.56 -3.09 7.77
CA LEU B 31 -8.88 -4.39 7.56
C LEU B 31 -7.66 -4.24 6.68
N ILE B 32 -7.81 -3.54 5.57
CA ILE B 32 -6.74 -3.42 4.57
C ILE B 32 -6.59 -1.97 4.17
N VAL B 33 -5.55 -1.34 4.68
CA VAL B 33 -5.26 0.05 4.36
C VAL B 33 -4.88 0.24 2.88
N GLN B 34 -5.35 1.34 2.31
CA GLN B 34 -5.00 1.77 0.97
C GLN B 34 -5.28 0.76 -0.09
N ARG B 35 -6.50 0.21 -0.02
CA ARG B 35 -7.02 -0.64 -1.06
C ARG B 35 -8.48 -0.25 -1.30
N ALA B 36 -8.79 0.18 -2.53
CA ALA B 36 -10.11 0.52 -2.98
C ALA B 36 -10.70 -0.60 -3.78
N ASP B 37 -12.05 -0.59 -3.85
CA ASP B 37 -12.82 -1.59 -4.62
C ASP B 37 -12.45 -3.00 -4.14
N PRO B 38 -12.56 -3.24 -2.83
CA PRO B 38 -12.12 -4.52 -2.29
C PRO B 38 -12.98 -5.71 -2.67
N TYR B 39 -12.35 -6.75 -3.11
CA TYR B 39 -13.06 -7.97 -3.54
C TYR B 39 -12.47 -9.16 -2.80
N ILE B 40 -13.32 -9.85 -2.03
CA ILE B 40 -12.93 -11.03 -1.25
C ILE B 40 -13.71 -12.22 -1.72
N TYR B 41 -13.02 -13.33 -1.97
CA TYR B 41 -13.63 -14.59 -2.39
C TYR B 41 -13.10 -15.71 -1.49
N LYS B 42 -14.01 -16.37 -0.78
CA LYS B 42 -13.69 -17.50 0.08
C LYS B 42 -13.73 -18.79 -0.74
N HIS B 43 -12.57 -19.38 -1.00
CA HIS B 43 -12.45 -20.53 -1.86
C HIS B 43 -12.57 -21.84 -1.05
N THR B 44 -12.79 -22.94 -1.77
CA THR B 44 -12.88 -24.32 -1.23
C THR B 44 -11.60 -24.86 -0.60
N ASP B 45 -10.45 -24.23 -0.84
CA ASP B 45 -9.19 -24.64 -0.27
C ASP B 45 -8.95 -24.09 1.16
N GLY B 46 -9.93 -23.42 1.75
CA GLY B 46 -9.78 -22.85 3.08
C GLY B 46 -9.08 -21.50 3.11
N TYR B 47 -8.98 -20.82 1.96
CA TYR B 47 -8.35 -19.50 1.96
C TYR B 47 -9.32 -18.46 1.50
N TYR B 48 -9.19 -17.24 2.04
CA TYR B 48 -9.81 -16.04 1.50
C TYR B 48 -8.81 -15.48 0.48
N TYR B 49 -9.29 -15.13 -0.72
CA TYR B 49 -8.51 -14.49 -1.78
C TYR B 49 -9.00 -13.08 -1.89
N PHE B 50 -8.08 -12.14 -1.99
CA PHE B 50 -8.38 -10.72 -2.01
C PHE B 50 -7.74 -10.04 -3.21
N THR B 51 -8.57 -9.31 -3.99
CA THR B 51 -8.14 -8.47 -5.10
C THR B 51 -8.77 -7.10 -4.90
N ALA B 52 -8.09 -6.07 -5.41
CA ALA B 52 -8.49 -4.68 -5.25
C ALA B 52 -7.71 -3.77 -6.15
N SER B 53 -8.12 -2.52 -6.21
CA SER B 53 -7.35 -1.51 -6.93
C SER B 53 -6.21 -1.08 -6.01
N VAL B 54 -4.99 -1.09 -6.53
CA VAL B 54 -3.83 -0.61 -5.79
C VAL B 54 -3.68 0.88 -6.06
N PRO B 55 -3.13 1.67 -5.11
CA PRO B 55 -3.09 3.14 -5.27
C PRO B 55 -2.45 3.69 -6.55
N ALA B 56 -1.40 3.04 -7.05
CA ALA B 56 -0.77 3.46 -8.30
C ALA B 56 -1.54 2.93 -9.56
N TYR B 57 -2.58 2.09 -9.39
CA TYR B 57 -3.40 1.53 -10.49
C TYR B 57 -2.55 0.94 -11.62
N ASN B 58 -1.51 0.20 -11.27
CA ASN B 58 -0.53 -0.27 -12.27
C ASN B 58 -0.41 -1.77 -12.41
N LEU B 59 -1.14 -2.55 -11.62
CA LEU B 59 -1.02 -4.00 -11.69
C LEU B 59 -2.15 -4.64 -10.97
N ILE B 60 -2.23 -5.96 -11.13
CA ILE B 60 -3.20 -6.79 -10.46
C ILE B 60 -2.40 -7.71 -9.56
N GLU B 61 -2.65 -7.63 -8.27
CA GLU B 61 -2.04 -8.49 -7.26
C GLU B 61 -3.09 -9.21 -6.46
N ILE B 62 -2.73 -10.35 -5.87
CA ILE B 62 -3.65 -11.11 -5.05
C ILE B 62 -2.97 -11.33 -3.70
N ARG B 63 -3.76 -11.32 -2.64
CA ARG B 63 -3.33 -11.75 -1.31
C ARG B 63 -4.21 -12.94 -0.93
N ARG B 64 -3.72 -13.80 -0.06
CA ARG B 64 -4.57 -14.85 0.50
C ARG B 64 -4.23 -15.10 1.97
N ALA B 65 -5.23 -15.48 2.73
CA ALA B 65 -5.04 -15.85 4.14
C ALA B 65 -6.19 -16.77 4.57
N LYS B 66 -5.98 -17.53 5.65
CA LYS B 66 -6.97 -18.46 6.20
C LYS B 66 -8.08 -17.69 6.94
N THR B 67 -7.80 -16.47 7.36
CA THR B 67 -8.77 -15.62 8.09
C THR B 67 -8.82 -14.25 7.47
N LEU B 68 -9.93 -13.54 7.67
CA LEU B 68 -10.07 -12.17 7.19
C LEU B 68 -9.03 -11.24 7.84
N ASN B 69 -8.79 -11.36 9.16
CA ASN B 69 -7.77 -10.55 9.82
C ASN B 69 -6.37 -10.82 9.26
N GLY B 70 -6.12 -12.05 8.78
CA GLY B 70 -4.83 -12.41 8.18
C GLY B 70 -4.51 -11.64 6.92
N LEU B 71 -5.54 -11.18 6.18
CA LEU B 71 -5.31 -10.39 4.96
C LEU B 71 -4.58 -9.08 5.22
N ALA B 72 -4.67 -8.52 6.42
CA ALA B 72 -3.98 -7.24 6.75
C ALA B 72 -2.46 -7.37 6.67
N ASN B 73 -1.92 -8.61 6.87
CA ASN B 73 -0.50 -8.87 6.87
C ASN B 73 -0.11 -9.84 5.78
N ALA B 74 -1.01 -10.16 4.82
CA ALA B 74 -0.74 -11.15 3.79
C ALA B 74 0.10 -10.56 2.68
N ALA B 75 1.25 -11.15 2.45
CA ALA B 75 2.22 -10.73 1.44
C ALA B 75 1.60 -10.93 0.04
N PRO B 76 1.41 -9.87 -0.74
CA PRO B 76 0.81 -10.07 -2.07
C PRO B 76 1.73 -10.64 -3.12
N ARG B 77 1.12 -11.04 -4.23
CA ARG B 77 1.85 -11.51 -5.42
C ARG B 77 1.23 -10.77 -6.59
N THR B 78 2.08 -10.27 -7.49
CA THR B 78 1.61 -9.62 -8.70
C THR B 78 1.40 -10.73 -9.71
N ILE B 79 0.22 -10.80 -10.32
CA ILE B 79 0.02 -11.83 -11.36
C ILE B 79 -0.22 -11.20 -12.73
N TRP B 80 -0.33 -9.86 -12.81
CA TRP B 80 -0.46 -9.20 -14.11
C TRP B 80 -0.03 -7.74 -13.94
N ARG B 81 0.73 -7.20 -14.87
CA ARG B 81 1.21 -5.82 -14.84
C ARG B 81 0.65 -5.08 -16.05
N LYS B 82 0.40 -3.78 -15.91
CA LYS B 82 -0.10 -2.98 -17.02
C LYS B 82 0.88 -3.01 -18.15
N HIS B 83 0.36 -2.85 -19.35
CA HIS B 83 1.17 -2.76 -20.53
C HIS B 83 2.00 -1.46 -20.46
N PRO B 84 3.15 -1.42 -21.13
CA PRO B 84 4.00 -0.21 -21.07
C PRO B 84 3.33 1.10 -21.51
N ASP B 85 3.77 2.22 -20.95
CA ASP B 85 3.24 3.55 -21.31
C ASP B 85 3.30 3.74 -22.82
N GLY B 86 2.20 4.22 -23.41
CA GLY B 86 2.07 4.48 -24.84
C GLY B 86 1.88 3.28 -25.73
N SER B 87 1.70 2.07 -25.17
CA SER B 87 1.58 0.85 -25.98
C SER B 87 0.14 0.47 -26.37
N GLY B 88 -0.84 1.29 -26.00
CA GLY B 88 -2.22 1.02 -26.35
C GLY B 88 -3.03 0.47 -25.20
N ALA B 89 -3.91 -0.48 -25.50
CA ALA B 89 -4.86 -1.02 -24.55
C ALA B 89 -4.15 -1.54 -23.31
N MET B 90 -4.82 -1.43 -22.15
CA MET B 90 -4.39 -1.97 -20.88
C MET B 90 -3.11 -1.32 -20.35
N SER B 91 -2.79 -0.11 -20.75
CA SER B 91 -1.55 0.52 -20.34
C SER B 91 -1.70 1.49 -19.24
N GLN B 92 -2.91 1.83 -18.79
CA GLN B 92 -3.08 2.78 -17.70
C GLN B 92 -4.28 2.48 -16.87
N LEU B 93 -4.24 2.93 -15.59
CA LEU B 93 -5.37 2.98 -14.69
C LEU B 93 -6.13 1.67 -14.56
N ILE B 94 -5.42 0.69 -14.00
CA ILE B 94 -5.91 -0.65 -13.77
C ILE B 94 -6.84 -0.59 -12.57
N TRP B 95 -8.14 -0.80 -12.82
CA TRP B 95 -9.19 -0.65 -11.84
C TRP B 95 -10.04 -1.86 -11.55
N ALA B 96 -10.28 -2.04 -10.25
CA ALA B 96 -11.24 -2.93 -9.62
C ALA B 96 -11.27 -4.35 -10.15
N PRO B 97 -10.14 -5.07 -10.05
CA PRO B 97 -10.13 -6.49 -10.45
C PRO B 97 -10.97 -7.33 -9.50
N GLU B 98 -11.63 -8.33 -10.05
CA GLU B 98 -12.38 -9.32 -9.29
C GLU B 98 -11.93 -10.71 -9.74
N LEU B 99 -11.59 -11.58 -8.78
CA LEU B 99 -11.18 -12.96 -9.01
C LEU B 99 -12.36 -13.92 -8.89
N HIS B 100 -12.71 -14.61 -9.96
CA HIS B 100 -13.81 -15.57 -9.97
C HIS B 100 -13.31 -16.95 -10.37
N TYR B 101 -13.92 -17.96 -9.78
CA TYR B 101 -13.65 -19.36 -10.05
C TYR B 101 -14.84 -19.91 -10.84
N ILE B 102 -14.65 -20.17 -12.12
CA ILE B 102 -15.74 -20.54 -13.03
C ILE B 102 -15.37 -21.84 -13.73
N ASP B 103 -16.19 -22.90 -13.52
CA ASP B 103 -15.99 -24.24 -14.09
C ASP B 103 -14.56 -24.74 -13.90
N GLY B 104 -14.06 -24.57 -12.68
CA GLY B 104 -12.75 -25.05 -12.30
C GLY B 104 -11.56 -24.22 -12.71
N LYS B 105 -11.77 -23.00 -13.23
CA LYS B 105 -10.70 -22.12 -13.72
C LYS B 105 -10.87 -20.74 -13.13
N TRP B 106 -9.75 -20.05 -12.90
CA TRP B 106 -9.74 -18.70 -12.38
C TRP B 106 -9.77 -17.66 -13.51
N PHE B 107 -10.57 -16.66 -13.34
CA PHE B 107 -10.69 -15.52 -14.23
C PHE B 107 -10.62 -14.26 -13.40
N ILE B 108 -10.01 -13.20 -13.95
CA ILE B 108 -10.03 -11.89 -13.32
C ILE B 108 -10.65 -10.91 -14.31
N TYR B 109 -11.68 -10.19 -13.87
CA TYR B 109 -12.36 -9.12 -14.62
C TYR B 109 -11.85 -7.81 -14.07
N PHE B 110 -11.38 -6.94 -14.94
CA PHE B 110 -10.86 -5.65 -14.53
C PHE B 110 -11.03 -4.67 -15.64
N ALA B 111 -10.85 -3.41 -15.33
CA ALA B 111 -10.94 -2.33 -16.30
C ALA B 111 -9.58 -1.66 -16.46
N ALA B 112 -9.33 -1.13 -17.65
CA ALA B 112 -8.06 -0.45 -17.95
C ALA B 112 -8.29 0.53 -19.07
N SER B 113 -7.40 1.49 -19.21
CA SER B 113 -7.46 2.48 -20.28
C SER B 113 -6.14 2.42 -21.07
N HIS B 114 -6.13 3.03 -22.24
CA HIS B 114 -4.92 3.16 -23.04
C HIS B 114 -4.23 4.48 -22.68
N THR B 115 -4.91 5.31 -21.88
CA THR B 115 -4.43 6.64 -21.53
C THR B 115 -5.02 7.18 -20.23
N LYS B 116 -4.34 8.16 -19.62
CA LYS B 116 -4.84 8.93 -18.49
C LYS B 116 -5.64 10.13 -18.98
N GLU B 117 -5.52 10.50 -20.27
CA GLU B 117 -6.28 11.64 -20.83
C GLU B 117 -7.78 11.38 -20.77
N PHE B 118 -8.55 12.42 -20.49
CA PHE B 118 -9.99 12.37 -20.57
C PHE B 118 -10.39 12.56 -22.05
N ASP B 119 -11.56 12.04 -22.41
CA ASP B 119 -12.14 12.22 -23.74
C ASP B 119 -12.79 13.62 -23.85
N HIS B 120 -13.46 13.91 -24.99
CA HIS B 120 -14.07 15.21 -25.22
C HIS B 120 -15.30 15.50 -24.34
N ASN B 121 -15.78 14.50 -23.57
CA ASN B 121 -16.81 14.68 -22.55
C ASN B 121 -16.21 14.74 -21.14
N GLY B 122 -14.89 14.86 -21.04
CA GLY B 122 -14.24 14.95 -19.75
C GLY B 122 -14.22 13.66 -18.95
N MET B 123 -14.37 12.52 -19.61
CA MET B 123 -14.41 11.20 -18.99
C MET B 123 -13.21 10.34 -19.20
N PHE B 124 -13.02 9.37 -18.30
CA PHE B 124 -12.02 8.34 -18.39
C PHE B 124 -12.35 7.46 -19.63
N GLN B 125 -11.33 6.75 -20.15
CA GLN B 125 -11.49 6.01 -21.41
C GLN B 125 -11.36 4.51 -21.23
N HIS B 126 -11.65 4.02 -20.02
CA HIS B 126 -11.62 2.59 -19.71
C HIS B 126 -12.49 1.71 -20.58
N ARG B 127 -12.02 0.49 -20.77
CA ARG B 127 -12.79 -0.62 -21.31
C ARG B 127 -12.58 -1.79 -20.35
N MET B 128 -13.39 -2.83 -20.53
CA MET B 128 -13.39 -4.05 -19.72
C MET B 128 -12.54 -5.14 -20.29
N TYR B 129 -11.74 -5.78 -19.44
CA TYR B 129 -10.80 -6.85 -19.82
C TYR B 129 -10.95 -8.06 -18.93
N CYS B 130 -10.34 -9.13 -19.38
CA CYS B 130 -10.39 -10.41 -18.72
C CYS B 130 -9.08 -11.15 -18.93
N ILE B 131 -8.58 -11.78 -17.86
CA ILE B 131 -7.41 -12.67 -17.90
C ILE B 131 -7.83 -13.97 -17.29
N GLU B 132 -7.26 -15.07 -17.77
CA GLU B 132 -7.58 -16.41 -17.34
C GLU B 132 -6.30 -17.13 -16.85
N CYS B 133 -6.44 -17.93 -15.80
CA CYS B 133 -5.33 -18.65 -15.21
C CYS B 133 -5.39 -20.10 -15.61
N ASP B 134 -4.25 -20.72 -15.94
CA ASP B 134 -4.19 -22.13 -16.30
C ASP B 134 -3.83 -23.04 -15.10
N ASN B 135 -3.65 -22.47 -13.89
CA ASN B 135 -3.21 -23.21 -12.70
C ASN B 135 -4.26 -23.25 -11.57
N PRO B 136 -4.33 -24.32 -10.74
CA PRO B 136 -5.26 -24.27 -9.58
C PRO B 136 -4.91 -23.18 -8.55
N ASP B 137 -3.63 -22.77 -8.48
CA ASP B 137 -3.17 -21.74 -7.58
C ASP B 137 -3.17 -20.45 -8.41
N PRO B 138 -4.04 -19.48 -8.10
CA PRO B 138 -4.06 -18.24 -8.88
C PRO B 138 -2.92 -17.28 -8.60
N MET B 139 -2.12 -17.53 -7.57
CA MET B 139 -1.05 -16.64 -7.14
C MET B 139 0.35 -17.21 -7.41
N ARG B 140 0.54 -18.20 -8.27
CA ARG B 140 1.86 -18.78 -8.46
CA ARG B 140 1.87 -18.79 -8.47
C ARG B 140 2.76 -17.89 -9.30
N ASP B 141 2.31 -17.50 -10.49
CA ASP B 141 3.17 -16.71 -11.37
C ASP B 141 2.38 -15.97 -12.44
N GLU B 142 2.91 -14.83 -12.86
CA GLU B 142 2.35 -14.05 -13.99
C GLU B 142 2.20 -14.91 -15.24
N ALA B 143 3.13 -15.86 -15.46
CA ALA B 143 3.13 -16.69 -16.68
C ALA B 143 1.91 -17.62 -16.76
N ASP B 144 1.21 -17.84 -15.65
CA ASP B 144 0.01 -18.69 -15.64
C ASP B 144 -1.24 -17.98 -16.14
N TRP B 145 -1.17 -16.66 -16.36
CA TRP B 145 -2.31 -15.86 -16.76
C TRP B 145 -2.22 -15.38 -18.17
N THR B 146 -3.27 -15.57 -18.96
CA THR B 146 -3.31 -15.14 -20.37
C THR B 146 -4.43 -14.15 -20.59
N GLU B 147 -4.21 -13.19 -21.48
CA GLU B 147 -5.19 -12.15 -21.78
C GLU B 147 -6.19 -12.64 -22.80
N HIS B 148 -7.47 -12.45 -22.50
CA HIS B 148 -8.56 -12.64 -23.45
C HIS B 148 -8.82 -11.30 -24.19
N GLY B 149 -8.24 -10.22 -23.72
CA GLY B 149 -8.45 -8.93 -24.34
C GLY B 149 -9.75 -8.33 -23.86
N GLN B 150 -10.30 -7.45 -24.66
CA GLN B 150 -11.47 -6.66 -24.30
C GLN B 150 -12.77 -7.45 -24.37
N ILE B 151 -13.61 -7.25 -23.38
CA ILE B 151 -14.96 -7.80 -23.38
C ILE B 151 -15.77 -6.75 -24.09
N GLU B 152 -16.18 -7.06 -25.32
CA GLU B 152 -16.83 -6.08 -26.17
C GLU B 152 -18.31 -5.97 -25.95
N THR B 153 -18.81 -4.76 -26.08
CA THR B 153 -20.23 -4.41 -26.01
C THR B 153 -20.62 -3.77 -27.37
N PRO B 154 -21.89 -3.82 -27.78
CA PRO B 154 -22.29 -3.20 -29.07
C PRO B 154 -21.81 -1.75 -29.25
N LEU B 155 -21.96 -0.93 -28.23
CA LEU B 155 -21.46 0.43 -28.28
C LEU B 155 -20.09 0.46 -27.59
N ASP B 156 -19.08 1.04 -28.27
CA ASP B 156 -17.74 1.10 -27.71
C ASP B 156 -17.58 2.41 -26.91
N THR B 157 -17.93 2.34 -25.62
CA THR B 157 -17.81 3.49 -24.73
C THR B 157 -17.25 3.02 -23.44
N PHE B 158 -16.92 4.02 -22.59
CA PHE B 158 -16.42 3.86 -21.24
C PHE B 158 -17.15 2.76 -20.49
N ALA B 159 -16.43 1.73 -20.04
CA ALA B 159 -17.03 0.59 -19.31
C ALA B 159 -16.04 0.07 -18.29
N LEU B 160 -16.56 -0.39 -17.15
CA LEU B 160 -15.75 -0.82 -16.02
C LEU B 160 -16.54 -1.53 -14.95
N ASP B 161 -15.83 -2.02 -13.91
CA ASP B 161 -16.38 -2.59 -12.71
C ASP B 161 -17.22 -3.83 -12.94
N ALA B 162 -16.83 -4.65 -13.91
CA ALA B 162 -17.59 -5.85 -14.20
C ALA B 162 -17.51 -6.87 -13.09
N THR B 163 -18.60 -7.59 -12.91
CA THR B 163 -18.72 -8.72 -12.00
C THR B 163 -19.56 -9.77 -12.70
N VAL B 164 -19.52 -11.00 -12.19
CA VAL B 164 -20.28 -12.11 -12.75
C VAL B 164 -21.02 -12.83 -11.66
N PHE B 165 -22.11 -13.49 -12.03
CA PHE B 165 -22.85 -14.37 -11.11
C PHE B 165 -23.57 -15.42 -11.89
N GLU B 166 -23.75 -16.55 -11.21
CA GLU B 166 -24.46 -17.69 -11.75
C GLU B 166 -25.90 -17.66 -11.30
N ALA B 167 -26.80 -17.91 -12.23
CA ALA B 167 -28.23 -17.94 -11.94
C ALA B 167 -28.92 -18.73 -13.01
N GLN B 168 -29.86 -19.58 -12.62
CA GLN B 168 -30.66 -20.36 -13.59
C GLN B 168 -29.77 -21.19 -14.55
N LYS B 169 -28.66 -21.74 -14.04
CA LYS B 169 -27.68 -22.57 -14.78
C LYS B 169 -26.90 -21.82 -15.91
N LYS B 170 -26.84 -20.50 -15.81
CA LYS B 170 -26.19 -19.64 -16.80
C LYS B 170 -25.25 -18.71 -16.11
N LEU B 171 -24.40 -18.04 -16.89
CA LEU B 171 -23.43 -17.09 -16.37
C LEU B 171 -23.84 -15.67 -16.82
N TYR B 172 -24.05 -14.77 -15.85
CA TYR B 172 -24.39 -13.38 -16.13
C TYR B 172 -23.24 -12.47 -15.81
N TYR B 173 -23.14 -11.41 -16.60
CA TYR B 173 -22.10 -10.39 -16.53
C TYR B 173 -22.83 -9.08 -16.22
N VAL B 174 -22.37 -8.37 -15.21
CA VAL B 174 -22.99 -7.13 -14.74
C VAL B 174 -21.88 -6.08 -14.68
N TRP B 175 -22.12 -4.91 -15.22
CA TRP B 175 -21.07 -3.89 -15.33
C TRP B 175 -21.64 -2.48 -15.42
N ALA B 176 -20.73 -1.50 -15.38
CA ALA B 176 -21.04 -0.09 -15.45
C ALA B 176 -20.56 0.44 -16.82
N GLN B 177 -21.39 1.22 -17.50
CA GLN B 177 -21.05 1.74 -18.83
C GLN B 177 -21.79 3.00 -19.18
N LYS B 178 -21.10 3.87 -19.92
CA LYS B 178 -21.66 5.12 -20.42
C LYS B 178 -22.58 4.86 -21.61
N ASP B 179 -23.76 5.46 -21.61
CA ASP B 179 -24.59 5.51 -22.79
C ASP B 179 -24.61 7.01 -23.24
N PRO B 180 -24.18 7.37 -24.46
CA PRO B 180 -24.33 8.78 -24.91
C PRO B 180 -25.77 9.36 -24.81
N ALA B 181 -26.81 8.52 -24.98
CA ALA B 181 -28.22 8.97 -24.92
C ALA B 181 -28.76 9.19 -23.51
N ILE B 182 -28.00 8.83 -22.44
CA ILE B 182 -28.45 8.94 -21.05
C ILE B 182 -27.49 9.82 -20.28
N LYS B 183 -28.02 10.75 -19.49
CA LYS B 183 -27.21 11.68 -18.74
C LYS B 183 -26.39 10.98 -17.68
N GLY B 184 -25.15 11.43 -17.55
CA GLY B 184 -24.22 10.93 -16.55
C GLY B 184 -23.09 10.11 -17.09
N ASN B 185 -22.27 9.60 -16.17
CA ASN B 185 -21.07 8.87 -16.48
C ASN B 185 -21.28 7.41 -16.75
N SER B 186 -22.17 6.75 -16.00
CA SER B 186 -22.36 5.32 -16.22
C SER B 186 -23.64 4.80 -15.56
N ASN B 187 -24.19 3.76 -16.17
CA ASN B 187 -25.38 3.06 -15.73
C ASN B 187 -24.98 1.61 -15.51
N ILE B 188 -25.81 0.82 -14.84
CA ILE B 188 -25.53 -0.62 -14.61
C ILE B 188 -26.26 -1.41 -15.67
N TYR B 189 -25.53 -2.37 -16.29
CA TYR B 189 -26.07 -3.27 -17.31
C TYR B 189 -25.90 -4.69 -16.91
N ILE B 190 -26.67 -5.54 -17.56
CA ILE B 190 -26.56 -6.98 -17.40
C ILE B 190 -26.66 -7.63 -18.77
N ALA B 191 -26.01 -8.77 -18.91
CA ALA B 191 -26.09 -9.61 -20.12
C ALA B 191 -25.74 -11.03 -19.76
N GLU B 192 -26.26 -12.01 -20.51
CA GLU B 192 -25.86 -13.39 -20.31
C GLU B 192 -24.56 -13.57 -21.10
N MET B 193 -23.67 -14.43 -20.62
CA MET B 193 -22.38 -14.71 -21.29
C MET B 193 -22.40 -15.97 -22.15
N ALA B 194 -21.72 -15.92 -23.32
CA ALA B 194 -21.56 -17.07 -24.20
C ALA B 194 -20.42 -17.97 -23.65
N ASN B 195 -19.43 -17.32 -23.05
CA ASN B 195 -18.32 -17.97 -22.37
C ASN B 195 -17.76 -16.91 -21.38
N PRO B 196 -16.79 -17.21 -20.52
CA PRO B 196 -16.41 -16.20 -19.53
C PRO B 196 -15.79 -14.89 -20.01
N TRP B 197 -15.54 -14.69 -21.30
CA TRP B 197 -14.97 -13.44 -21.79
C TRP B 197 -15.80 -12.89 -22.97
N THR B 198 -17.03 -13.40 -23.20
CA THR B 198 -17.85 -12.98 -24.33
C THR B 198 -19.34 -12.90 -23.99
N LEU B 199 -19.98 -11.79 -24.38
CA LEU B 199 -21.41 -11.64 -24.15
C LEU B 199 -22.19 -12.41 -25.20
N LYS B 200 -23.29 -13.02 -24.78
CA LYS B 200 -24.23 -13.75 -25.66
C LYS B 200 -25.41 -12.83 -26.07
N THR B 201 -25.88 -11.99 -25.15
CA THR B 201 -27.05 -11.14 -25.38
C THR B 201 -26.69 -9.67 -25.46
N LYS B 202 -27.63 -8.86 -26.00
CA LYS B 202 -27.45 -7.41 -26.04
C LYS B 202 -27.56 -6.88 -24.59
N PRO B 203 -26.73 -5.92 -24.15
CA PRO B 203 -26.87 -5.40 -22.77
C PRO B 203 -28.26 -4.83 -22.44
N VAL B 204 -28.66 -4.99 -21.19
CA VAL B 204 -29.93 -4.47 -20.67
C VAL B 204 -29.61 -3.53 -19.53
N MET B 205 -30.11 -2.27 -19.59
CA MET B 205 -29.86 -1.29 -18.53
C MET B 205 -30.76 -1.56 -17.33
N LEU B 206 -30.18 -1.74 -16.15
CA LEU B 206 -30.92 -1.98 -14.91
C LEU B 206 -31.17 -0.73 -14.07
N THR B 207 -30.21 0.18 -14.04
CA THR B 207 -30.35 1.43 -13.29
C THR B 207 -29.45 2.50 -13.88
N LYS B 208 -29.89 3.72 -13.76
CA LYS B 208 -29.15 4.91 -14.18
C LYS B 208 -29.13 5.89 -13.01
N PRO B 209 -28.14 6.81 -12.93
CA PRO B 209 -28.15 7.79 -11.84
C PRO B 209 -29.29 8.79 -12.05
N GLU B 210 -30.09 8.97 -11.01
CA GLU B 210 -31.26 9.85 -11.12
C GLU B 210 -31.68 10.50 -9.80
N TYR B 211 -31.50 9.84 -8.66
CA TYR B 211 -31.83 10.44 -7.36
C TYR B 211 -30.72 11.42 -6.96
N ASP B 212 -31.01 12.38 -6.04
CA ASP B 212 -29.99 13.34 -5.58
C ASP B 212 -28.76 12.67 -4.96
N TRP B 213 -28.98 11.58 -4.21
CA TRP B 213 -27.87 10.84 -3.59
C TRP B 213 -27.00 10.08 -4.64
N GLU B 214 -27.50 9.92 -5.88
CA GLU B 214 -26.73 9.28 -6.96
C GLU B 214 -26.01 10.27 -7.88
N THR B 215 -26.25 11.54 -7.72
CA THR B 215 -25.74 12.57 -8.62
C THR B 215 -24.90 13.68 -7.97
N LYS B 216 -24.23 13.41 -6.83
CA LYS B 216 -23.37 14.43 -6.16
C LYS B 216 -22.01 14.48 -6.84
N ILE B 217 -21.63 15.66 -7.40
CA ILE B 217 -20.37 15.91 -8.12
C ILE B 217 -20.41 15.20 -9.49
N PHE B 218 -20.53 13.86 -9.52
CA PHE B 218 -20.68 13.11 -10.77
C PHE B 218 -21.97 12.31 -10.75
N TRP B 219 -22.63 12.18 -11.90
CA TRP B 219 -23.83 11.34 -12.05
C TRP B 219 -23.30 9.95 -12.34
N VAL B 220 -23.26 9.07 -11.33
CA VAL B 220 -22.64 7.76 -11.48
C VAL B 220 -23.46 6.63 -10.89
N ASN B 221 -23.49 5.48 -11.58
CA ASN B 221 -23.86 4.17 -11.04
C ASN B 221 -22.71 3.26 -11.42
N GLU B 222 -22.04 2.67 -10.43
CA GLU B 222 -20.90 1.81 -10.71
C GLU B 222 -20.72 0.78 -9.61
N GLY B 223 -19.64 0.01 -9.63
CA GLY B 223 -19.33 -0.98 -8.61
C GLY B 223 -20.43 -1.98 -8.30
N PRO B 224 -21.01 -2.69 -9.29
CA PRO B 224 -22.07 -3.65 -8.96
C PRO B 224 -21.56 -4.86 -8.17
N ALA B 225 -22.40 -5.44 -7.30
CA ALA B 225 -22.10 -6.69 -6.60
C ALA B 225 -23.41 -7.40 -6.42
N VAL B 226 -23.40 -8.72 -6.40
CA VAL B 226 -24.63 -9.54 -6.37
C VAL B 226 -24.65 -10.45 -5.20
N LEU B 227 -25.79 -10.50 -4.52
CA LEU B 227 -26.04 -11.37 -3.35
C LEU B 227 -27.27 -12.20 -3.70
N HIS B 228 -27.25 -13.49 -3.38
CA HIS B 228 -28.36 -14.40 -3.68
C HIS B 228 -28.92 -14.93 -2.38
N ARG B 229 -30.18 -14.65 -2.08
CA ARG B 229 -30.79 -15.19 -0.84
C ARG B 229 -32.31 -15.02 -0.83
N ASN B 230 -32.97 -15.95 -0.14
CA ASN B 230 -34.40 -15.88 0.11
C ASN B 230 -35.27 -15.63 -1.14
N GLY B 231 -34.99 -16.38 -2.19
CA GLY B 231 -35.77 -16.31 -3.42
C GLY B 231 -35.49 -15.11 -4.30
N ARG B 232 -34.43 -14.34 -4.01
CA ARG B 232 -34.11 -13.14 -4.76
C ARG B 232 -32.61 -12.97 -4.97
N PHE B 233 -32.27 -12.10 -5.93
CA PHE B 233 -30.92 -11.60 -6.14
C PHE B 233 -30.99 -10.14 -5.74
N PHE B 234 -29.98 -9.69 -4.99
CA PHE B 234 -29.88 -8.30 -4.55
C PHE B 234 -28.61 -7.77 -5.18
N LEU B 235 -28.73 -6.74 -6.02
CA LEU B 235 -27.56 -6.15 -6.71
C LEU B 235 -27.30 -4.80 -6.10
N THR B 236 -26.23 -4.70 -5.31
CA THR B 236 -25.84 -3.41 -4.75
C THR B 236 -24.94 -2.73 -5.79
N TYR B 237 -24.88 -1.44 -5.75
CA TYR B 237 -24.02 -0.64 -6.61
C TYR B 237 -23.66 0.64 -5.90
N SER B 238 -22.69 1.38 -6.40
CA SER B 238 -22.28 2.63 -5.79
C SER B 238 -22.63 3.81 -6.68
N ALA B 239 -22.87 4.95 -6.06
CA ALA B 239 -23.27 6.15 -6.80
C ALA B 239 -22.60 7.40 -6.22
N SER B 240 -22.51 8.46 -7.06
CA SER B 240 -21.84 9.76 -6.79
C SER B 240 -20.36 9.63 -6.86
N ALA B 241 -19.63 10.72 -6.61
CA ALA B 241 -18.17 10.70 -6.67
C ALA B 241 -17.56 9.87 -5.54
N THR B 242 -16.25 9.50 -5.67
CA THR B 242 -15.54 8.66 -4.72
C THR B 242 -15.05 9.38 -3.46
N ASP B 243 -15.59 10.57 -3.17
CA ASP B 243 -15.25 11.35 -1.99
C ASP B 243 -16.31 10.97 -0.94
N GLU B 244 -16.62 11.86 0.01
CA GLU B 244 -17.62 11.60 1.06
C GLU B 244 -19.02 11.30 0.57
N ASN B 245 -19.36 11.70 -0.66
CA ASN B 245 -20.71 11.51 -1.20
C ASN B 245 -20.98 10.09 -1.66
N TYR B 246 -19.97 9.24 -1.75
CA TYR B 246 -20.15 7.87 -2.26
C TYR B 246 -21.16 7.12 -1.41
N ALA B 247 -22.09 6.42 -2.05
CA ALA B 247 -23.14 5.70 -1.31
C ALA B 247 -23.59 4.50 -2.11
N MET B 248 -24.22 3.54 -1.43
CA MET B 248 -24.69 2.33 -2.11
C MET B 248 -26.18 2.30 -2.24
N GLY B 249 -26.59 1.93 -3.44
CA GLY B 249 -27.98 1.65 -3.78
C GLY B 249 -28.17 0.15 -3.89
N MET B 250 -29.40 -0.29 -4.19
CA MET B 250 -29.68 -1.71 -4.33
C MET B 250 -30.89 -1.98 -5.21
N LEU B 251 -30.75 -2.98 -6.08
CA LEU B 251 -31.82 -3.49 -6.92
C LEU B 251 -32.20 -4.86 -6.43
N THR B 252 -33.47 -5.24 -6.57
CA THR B 252 -33.95 -6.56 -6.16
C THR B 252 -34.71 -7.21 -7.29
N VAL B 253 -34.54 -8.53 -7.46
CA VAL B 253 -35.26 -9.31 -8.48
C VAL B 253 -35.57 -10.71 -7.95
N ALA B 254 -36.70 -11.29 -8.34
CA ALA B 254 -37.03 -12.68 -7.98
C ALA B 254 -36.04 -13.57 -8.71
N GLU B 255 -35.51 -14.60 -8.01
CA GLU B 255 -34.48 -15.49 -8.58
C GLU B 255 -34.89 -16.24 -9.87
N ASP B 256 -36.19 -16.44 -10.10
CA ASP B 256 -36.72 -17.15 -11.26
CA ASP B 256 -36.69 -17.15 -11.28
C ASP B 256 -37.22 -16.21 -12.38
N ALA B 257 -37.14 -14.89 -12.19
CA ALA B 257 -37.62 -13.94 -13.21
C ALA B 257 -36.70 -13.88 -14.45
N ASP B 258 -37.16 -13.15 -15.49
CA ASP B 258 -36.29 -12.86 -16.62
C ASP B 258 -35.33 -11.76 -16.10
N LEU B 259 -34.07 -12.11 -15.92
CA LEU B 259 -33.06 -11.19 -15.40
C LEU B 259 -32.67 -10.13 -16.43
N LEU B 260 -33.00 -10.38 -17.72
CA LEU B 260 -32.69 -9.50 -18.83
C LEU B 260 -33.89 -8.62 -19.18
N ASP B 261 -34.91 -8.49 -18.31
CA ASP B 261 -36.02 -7.57 -18.49
C ASP B 261 -35.90 -6.56 -17.35
N PRO B 262 -35.73 -5.26 -17.64
CA PRO B 262 -35.54 -4.28 -16.55
C PRO B 262 -36.73 -4.13 -15.62
N THR B 263 -37.93 -4.47 -16.12
CA THR B 263 -39.16 -4.40 -15.31
C THR B 263 -39.21 -5.52 -14.28
N SER B 264 -38.33 -6.53 -14.37
CA SER B 264 -38.26 -7.56 -13.33
C SER B 264 -37.59 -6.98 -12.07
N TRP B 265 -36.78 -5.90 -12.19
CA TRP B 265 -36.00 -5.38 -11.09
C TRP B 265 -36.64 -4.19 -10.40
N SER B 266 -36.53 -4.14 -9.09
CA SER B 266 -37.03 -3.02 -8.29
C SER B 266 -35.83 -2.25 -7.77
N LYS B 267 -35.88 -0.92 -7.79
CA LYS B 267 -34.78 -0.07 -7.37
C LYS B 267 -35.08 0.59 -6.04
N SER B 268 -34.13 0.56 -5.08
CA SER B 268 -34.31 1.28 -3.83
C SER B 268 -34.25 2.79 -4.10
N GLU B 269 -35.21 3.56 -3.56
CA GLU B 269 -35.28 5.02 -3.73
C GLU B 269 -34.33 5.76 -2.82
N THR B 270 -33.76 5.07 -1.84
CA THR B 270 -32.86 5.65 -0.87
C THR B 270 -31.62 4.76 -0.77
N PRO B 271 -30.45 5.27 -0.33
CA PRO B 271 -29.29 4.39 -0.20
C PRO B 271 -29.48 3.29 0.84
N VAL B 272 -28.84 2.16 0.63
CA VAL B 272 -28.86 1.06 1.58
C VAL B 272 -27.62 1.11 2.50
N PHE B 273 -26.62 1.93 2.15
CA PHE B 273 -25.39 2.09 2.93
C PHE B 273 -24.78 3.42 2.59
N GLN B 274 -24.39 4.18 3.60
CA GLN B 274 -23.86 5.53 3.35
C GLN B 274 -22.97 5.98 4.50
N SER B 275 -22.38 7.17 4.35
CA SER B 275 -21.45 7.74 5.33
C SER B 275 -22.00 7.72 6.74
N ASN B 276 -21.11 7.43 7.71
CA ASN B 276 -21.43 7.51 9.14
C ASN B 276 -20.52 8.64 9.62
N MET B 277 -21.00 9.86 9.41
CA MET B 277 -20.18 11.06 9.65
C MET B 277 -19.76 11.26 11.10
N PRO B 278 -20.58 10.96 12.13
CA PRO B 278 -20.10 11.15 13.52
C PRO B 278 -18.84 10.36 13.89
N ILE B 279 -18.59 9.17 13.24
CA ILE B 279 -17.39 8.37 13.50
C ILE B 279 -16.33 8.49 12.38
N LYS B 280 -16.48 9.51 11.51
CA LYS B 280 -15.54 9.81 10.44
C LYS B 280 -15.34 8.64 9.46
N GLN B 281 -16.45 8.11 8.93
CA GLN B 281 -16.46 7.07 7.90
C GLN B 281 -17.20 7.69 6.73
N PHE B 282 -16.44 8.17 5.75
CA PHE B 282 -16.98 8.94 4.64
C PHE B 282 -16.92 8.17 3.32
N GLY B 283 -18.04 8.15 2.61
CA GLY B 283 -18.11 7.59 1.28
C GLY B 283 -17.87 6.11 1.17
N PRO B 284 -18.70 5.27 1.80
CA PRO B 284 -18.51 3.83 1.66
C PRO B 284 -19.00 3.34 0.30
N GLY B 285 -18.27 2.42 -0.31
CA GLY B 285 -18.76 1.88 -1.57
C GLY B 285 -17.91 0.82 -2.23
N HIS B 286 -18.22 0.61 -3.52
CA HIS B 286 -17.71 -0.45 -4.40
C HIS B 286 -17.47 -1.68 -3.57
N ASN B 287 -18.57 -2.27 -3.16
CA ASN B 287 -18.55 -3.42 -2.26
C ASN B 287 -18.49 -4.77 -2.90
N SER B 288 -18.27 -5.78 -2.05
CA SER B 288 -18.35 -7.17 -2.39
C SER B 288 -18.92 -7.84 -1.13
N PHE B 289 -19.14 -9.14 -1.21
CA PHE B 289 -19.75 -9.93 -0.15
C PHE B 289 -18.95 -11.17 0.08
N THR B 290 -18.84 -11.57 1.33
CA THR B 290 -18.24 -12.86 1.66
C THR B 290 -18.91 -13.43 2.87
N VAL B 291 -18.33 -14.50 3.42
CA VAL B 291 -18.84 -15.19 4.62
C VAL B 291 -17.74 -15.24 5.65
N ALA B 292 -18.10 -15.11 6.94
CA ALA B 292 -17.12 -15.14 8.03
C ALA B 292 -16.59 -16.56 8.26
N GLU B 293 -15.62 -16.68 9.17
CA GLU B 293 -14.94 -17.92 9.48
C GLU B 293 -15.85 -18.94 10.19
N ASP B 294 -17.01 -18.52 10.70
CA ASP B 294 -18.01 -19.43 11.24
C ASP B 294 -18.79 -20.16 10.11
N GLY B 295 -18.58 -19.79 8.84
CA GLY B 295 -19.25 -20.37 7.68
C GLY B 295 -20.72 -20.01 7.53
N GLU B 296 -21.19 -19.03 8.31
CA GLU B 296 -22.61 -18.66 8.36
C GLU B 296 -22.88 -17.15 8.34
N THR B 297 -22.05 -16.32 8.96
CA THR B 297 -22.30 -14.87 9.02
C THR B 297 -21.92 -14.20 7.74
N ASP B 298 -22.88 -13.46 7.14
CA ASP B 298 -22.62 -12.70 5.94
C ASP B 298 -21.80 -11.48 6.30
N MET B 299 -20.81 -11.17 5.45
CA MET B 299 -19.88 -10.05 5.64
C MET B 299 -19.96 -9.10 4.47
N LEU B 300 -20.09 -7.81 4.78
CA LEU B 300 -20.03 -6.74 3.79
C LEU B 300 -18.58 -6.25 3.72
N VAL B 301 -18.04 -6.16 2.51
CA VAL B 301 -16.68 -5.75 2.23
C VAL B 301 -16.78 -4.47 1.41
N TYR B 302 -16.17 -3.40 1.85
CA TYR B 302 -16.28 -2.12 1.14
C TYR B 302 -15.11 -1.24 1.48
N HIS B 303 -14.90 -0.20 0.70
CA HIS B 303 -13.90 0.81 1.02
C HIS B 303 -14.58 2.04 1.55
N CYS B 304 -13.83 2.84 2.27
CA CYS B 304 -14.32 4.04 2.91
C CYS B 304 -13.16 4.95 3.31
N ARG B 305 -13.39 6.26 3.36
CA ARG B 305 -12.37 7.24 3.77
C ARG B 305 -12.58 7.69 5.19
N ASN B 306 -11.53 8.27 5.80
CA ASN B 306 -11.69 8.77 7.18
C ASN B 306 -11.44 10.28 7.25
N TYR B 307 -11.41 10.98 6.10
CA TYR B 307 -11.30 12.43 6.10
C TYR B 307 -11.88 12.94 4.83
N THR B 308 -12.24 14.22 4.82
CA THR B 308 -12.80 14.86 3.61
C THR B 308 -11.94 15.98 3.03
N ASP B 309 -10.86 16.40 3.70
CA ASP B 309 -10.02 17.50 3.22
C ASP B 309 -9.02 16.92 2.21
N ILE B 310 -9.57 16.41 1.11
CA ILE B 310 -8.80 15.74 0.07
C ILE B 310 -8.30 16.80 -0.86
N LYS B 311 -7.07 16.66 -1.30
CA LYS B 311 -6.50 17.58 -2.27
C LYS B 311 -6.59 16.93 -3.65
N GLY B 312 -7.01 17.69 -4.65
CA GLY B 312 -7.09 17.18 -6.02
C GLY B 312 -8.18 16.15 -6.26
N ASP B 313 -7.98 15.31 -7.25
CA ASP B 313 -8.97 14.31 -7.61
C ASP B 313 -8.99 13.22 -6.50
N PRO B 314 -10.13 12.92 -5.89
CA PRO B 314 -10.18 11.83 -4.87
C PRO B 314 -9.66 10.46 -5.35
N LEU B 315 -9.74 10.16 -6.67
CA LEU B 315 -9.21 8.91 -7.21
C LEU B 315 -7.67 8.80 -7.04
N TYR B 316 -6.97 9.94 -6.92
CA TYR B 316 -5.49 9.91 -6.69
C TYR B 316 -5.07 10.16 -5.22
N ASP B 317 -6.00 10.17 -4.30
CA ASP B 317 -5.65 10.24 -2.88
C ASP B 317 -5.74 8.77 -2.51
N PRO B 318 -4.70 8.16 -1.93
CA PRO B 318 -4.73 6.69 -1.76
C PRO B 318 -5.46 6.15 -0.54
N ASN B 319 -6.09 7.02 0.26
CA ASN B 319 -6.63 6.61 1.54
C ASN B 319 -8.10 6.17 1.56
N ARG B 320 -8.53 5.45 0.54
CA ARG B 320 -9.74 4.66 0.64
C ARG B 320 -9.24 3.33 1.27
N HIS B 321 -9.79 2.97 2.40
CA HIS B 321 -9.37 1.79 3.13
C HIS B 321 -10.45 0.75 3.09
N THR B 322 -10.03 -0.52 3.07
CA THR B 322 -10.96 -1.64 3.03
C THR B 322 -11.46 -1.99 4.44
N MET B 323 -12.79 -2.06 4.56
CA MET B 323 -13.56 -2.40 5.77
C MET B 323 -14.29 -3.71 5.55
N VAL B 324 -14.44 -4.49 6.62
CA VAL B 324 -15.28 -5.69 6.64
C VAL B 324 -16.17 -5.65 7.88
N GLN B 325 -17.44 -5.96 7.70
CA GLN B 325 -18.34 -6.01 8.84
C GLN B 325 -19.49 -6.95 8.58
N PRO B 326 -20.01 -7.59 9.63
CA PRO B 326 -21.19 -8.44 9.45
C PRO B 326 -22.41 -7.65 9.04
N PHE B 327 -23.37 -8.31 8.37
CA PHE B 327 -24.68 -7.73 8.10
C PHE B 327 -25.72 -8.81 8.41
N THR B 328 -26.97 -8.39 8.57
CA THR B 328 -28.03 -9.31 8.99
C THR B 328 -29.16 -9.26 7.97
N TRP B 329 -30.23 -9.98 8.26
CA TRP B 329 -31.38 -10.09 7.38
C TRP B 329 -32.65 -9.67 8.08
N ASN B 330 -33.48 -8.90 7.38
CA ASN B 330 -34.79 -8.43 7.89
C ASN B 330 -35.78 -9.58 7.81
N ASP B 331 -36.90 -9.46 8.54
CA ASP B 331 -37.94 -10.51 8.57
C ASP B 331 -38.52 -10.80 7.18
N ASP B 332 -38.51 -9.81 6.28
CA ASP B 332 -38.99 -10.00 4.91
C ASP B 332 -37.93 -10.64 3.96
N GLY B 333 -36.79 -11.08 4.51
CA GLY B 333 -35.71 -11.70 3.74
C GLY B 333 -34.79 -10.75 2.97
N THR B 334 -34.89 -9.40 3.20
CA THR B 334 -34.02 -8.42 2.57
C THR B 334 -32.78 -8.21 3.45
N PRO B 335 -31.65 -7.82 2.88
CA PRO B 335 -30.47 -7.60 3.73
C PRO B 335 -30.56 -6.29 4.50
N ASN B 336 -29.95 -6.25 5.69
CA ASN B 336 -29.87 -5.05 6.54
C ASN B 336 -28.38 -4.77 6.76
N PHE B 337 -27.86 -3.79 6.04
CA PHE B 337 -26.44 -3.44 6.10
C PHE B 337 -26.09 -2.55 7.26
N GLY B 338 -27.06 -1.85 7.82
CA GLY B 338 -26.84 -0.94 8.93
C GLY B 338 -25.98 0.24 8.50
N LYS B 339 -24.93 0.52 9.27
CA LYS B 339 -24.05 1.63 8.98
C LYS B 339 -22.61 1.19 9.11
N PRO B 340 -21.67 1.95 8.53
CA PRO B 340 -20.25 1.67 8.74
C PRO B 340 -19.87 1.61 10.23
N VAL B 341 -19.05 0.64 10.61
CA VAL B 341 -18.56 0.48 11.96
C VAL B 341 -17.30 1.34 12.15
N PRO B 342 -16.97 1.72 13.41
CA PRO B 342 -15.75 2.52 13.64
C PRO B 342 -14.47 1.68 13.54
N TYR B 343 -13.36 2.39 13.40
CA TYR B 343 -12.06 1.77 13.45
C TYR B 343 -11.84 1.28 14.88
N ASN B 344 -11.08 0.20 15.03
CA ASN B 344 -10.83 -0.38 16.35
C ASN B 344 -9.43 -0.96 16.50
N TYR B 345 -8.48 -0.47 15.71
CA TYR B 345 -7.09 -0.86 15.85
C TYR B 345 -6.52 -0.13 17.05
N LYS B 346 -5.46 -0.66 17.65
CA LYS B 346 -4.86 -0.06 18.84
C LYS B 346 -3.54 0.57 18.46
#